data_5ZXV
#
_entry.id   5ZXV
#
_cell.length_a   138.647
_cell.length_b   138.647
_cell.length_c   228.736
_cell.angle_alpha   90.00
_cell.angle_beta   90.00
_cell.angle_gamma   120.00
#
_symmetry.space_group_name_H-M   'H 3'
#
loop_
_entity.id
_entity.type
_entity.pdbx_description
1 polymer 'MERS-CoV RBD'
2 polymer 'heavy chain'
3 polymer 'light chain'
#
loop_
_entity_poly.entity_id
_entity_poly.type
_entity_poly.pdbx_seq_one_letter_code
_entity_poly.pdbx_strand_id
1 'polypeptide(L)'
;VECDFSPLLSGTPPQVYNFKRLVFTNCNYNLTKLLSLFSVNDFTCSQISPAAIASNCYSSLILDYFSYPLSMKSDLSVSS
AGPISQFNYKQSFSNPTCLILATVPHNLTTITKPLKYSYINKCSRLLSDDRTEVPQLVNANQYSPCVSIVPSTVWEDGDY
YRKQLSPLEGGGWLVASGSTVAMTEQLQMGFGITVQYGTDTNSVCPKL
;
A,B
2 'polypeptide(L)'
;GVQLVESGGGLVQPGRSLRLSCAASGFTFSNYAMYWVRQAPGKGLEWVALISYDISTDYYADSVKGRFTISRDNSKNTIY
LQMNNLRTEDTALYYCAGNDYWGQGTLVTVSSASTKGPSVFPLAPSSKSTSGGTAALGCLVKDYFPEPVTVSWNSGALTS
GVHTFPAVLQSSGLYSLSSVVTVPSSSLGTQTYICNVNHKPSNTKVDKKVEPK
;
H,C
3 'polypeptide(L)'
;SVLTQSPSASGTPGQRVTISCSGSSSNIGNNYVYWYQQLPGTAPKLLIYWNDQRPSGVPDRFSGSKSGTSASLAISGLRS
EDEADYYCAAWDDSLSGAVFGGGTQLTVLGQPKAAPSVTLFPPSSEELQANKATLVCLISDFYPGAVTVAWKADSSPVKA
GVETTTPSKQSNNKYAASSYLSLTPEQWKSHRSYSCQVTHEGSTVEKTVAPTECS
;
L,D
#
# COMPACT_ATOMS: atom_id res chain seq x y z
N VAL A 1 -17.10 -14.96 32.55
CA VAL A 1 -17.82 -16.00 31.82
C VAL A 1 -19.06 -15.39 31.17
N GLU A 2 -19.43 -15.95 30.01
CA GLU A 2 -20.61 -15.55 29.26
C GLU A 2 -20.46 -14.18 28.63
N CYS A 3 -20.39 -14.14 27.30
CA CYS A 3 -20.31 -12.88 26.58
C CYS A 3 -21.71 -12.29 26.45
N ASP A 4 -21.83 -10.96 26.63
CA ASP A 4 -23.12 -10.28 26.74
C ASP A 4 -23.45 -9.55 25.44
N PHE A 5 -24.43 -10.08 24.71
CA PHE A 5 -24.96 -9.47 23.49
C PHE A 5 -26.21 -8.63 23.74
N SER A 6 -26.58 -8.42 25.00
CA SER A 6 -27.80 -7.70 25.34
C SER A 6 -27.89 -6.28 24.77
N PRO A 7 -26.86 -5.43 24.86
CA PRO A 7 -27.02 -4.05 24.37
C PRO A 7 -27.49 -3.96 22.93
N LEU A 8 -27.10 -4.92 22.09
CA LEU A 8 -27.56 -4.95 20.70
C LEU A 8 -29.08 -4.97 20.59
N LEU A 9 -29.75 -5.61 21.54
CA LEU A 9 -31.18 -5.85 21.48
C LEU A 9 -32.01 -4.74 22.09
N SER A 10 -31.39 -3.76 22.74
CA SER A 10 -32.11 -2.73 23.49
C SER A 10 -32.03 -1.41 22.73
N GLY A 11 -33.15 -0.97 22.17
CA GLY A 11 -33.25 0.36 21.61
C GLY A 11 -33.18 0.42 20.09
N THR A 12 -32.71 1.54 19.57
CA THR A 12 -32.65 1.78 18.14
C THR A 12 -31.23 1.63 17.64
N PRO A 13 -30.97 0.75 16.68
CA PRO A 13 -29.59 0.57 16.18
C PRO A 13 -29.13 1.80 15.42
N PRO A 14 -27.87 2.21 15.59
CA PRO A 14 -27.37 3.41 14.90
C PRO A 14 -27.19 3.17 13.42
N GLN A 15 -26.98 4.28 12.71
CA GLN A 15 -26.68 4.22 11.28
C GLN A 15 -25.27 3.69 11.06
N VAL A 16 -25.01 3.24 9.82
CA VAL A 16 -23.78 2.53 9.50
C VAL A 16 -22.54 3.34 9.87
N TYR A 17 -22.56 4.65 9.59
CA TYR A 17 -21.39 5.46 9.90
C TYR A 17 -21.23 5.75 11.39
N ASN A 18 -22.21 5.36 12.21
CA ASN A 18 -22.11 5.47 13.66
C ASN A 18 -22.18 4.10 14.32
N PHE A 19 -21.65 3.09 13.65
CA PHE A 19 -21.76 1.70 14.11
C PHE A 19 -21.35 1.57 15.57
N LYS A 20 -22.10 0.79 16.34
CA LYS A 20 -21.75 0.53 17.73
C LYS A 20 -20.87 -0.71 17.83
N ARG A 21 -19.80 -0.60 18.62
CA ARG A 21 -18.80 -1.65 18.76
C ARG A 21 -18.83 -2.23 20.17
N LEU A 22 -18.98 -3.54 20.25
CA LEU A 22 -18.91 -4.30 21.50
C LEU A 22 -17.65 -5.16 21.47
N VAL A 23 -16.82 -5.02 22.49
CA VAL A 23 -15.53 -5.69 22.56
C VAL A 23 -15.62 -6.79 23.61
N PHE A 24 -15.16 -7.99 23.25
CA PHE A 24 -15.23 -9.15 24.13
C PHE A 24 -13.88 -9.80 24.31
N THR A 25 -13.49 -9.96 25.58
CA THR A 25 -12.36 -10.76 25.99
C THR A 25 -12.79 -11.52 27.24
N ASN A 26 -12.28 -12.75 27.37
CA ASN A 26 -12.46 -13.54 28.60
C ASN A 26 -13.94 -13.79 28.89
N CYS A 27 -14.55 -14.57 27.99
CA CYS A 27 -15.92 -15.01 28.19
C CYS A 27 -16.20 -16.17 27.24
N ASN A 28 -17.42 -16.68 27.32
CA ASN A 28 -17.88 -17.84 26.56
C ASN A 28 -19.14 -17.45 25.80
N TYR A 29 -19.14 -17.74 24.50
CA TYR A 29 -20.18 -17.25 23.61
C TYR A 29 -21.04 -18.39 23.08
N ASN A 30 -22.27 -18.04 22.74
CA ASN A 30 -23.15 -18.90 21.94
C ASN A 30 -23.70 -18.05 20.80
N LEU A 31 -23.06 -18.14 19.63
CA LEU A 31 -23.36 -17.24 18.52
C LEU A 31 -24.68 -17.59 17.85
N THR A 32 -24.92 -18.88 17.60
CA THR A 32 -26.17 -19.30 16.99
C THR A 32 -27.36 -19.05 17.90
N LYS A 33 -27.11 -18.94 19.21
CA LYS A 33 -28.15 -18.48 20.12
C LYS A 33 -28.60 -17.08 19.77
N LEU A 34 -27.65 -16.19 19.45
CA LEU A 34 -28.02 -14.83 19.08
C LEU A 34 -28.66 -14.79 17.70
N LEU A 35 -28.09 -15.52 16.73
CA LEU A 35 -28.66 -15.48 15.38
C LEU A 35 -30.00 -16.20 15.28
N SER A 36 -30.37 -16.99 16.29
CA SER A 36 -31.69 -17.61 16.30
C SER A 36 -32.81 -16.57 16.41
N LEU A 37 -32.50 -15.35 16.84
CA LEU A 37 -33.51 -14.32 17.03
C LEU A 37 -33.91 -13.63 15.72
N PHE A 38 -33.03 -13.63 14.73
CA PHE A 38 -33.25 -12.88 13.49
C PHE A 38 -33.46 -13.83 12.32
N SER A 39 -34.11 -13.30 11.29
CA SER A 39 -34.11 -13.94 9.98
C SER A 39 -32.83 -13.52 9.26
N VAL A 40 -31.91 -14.47 9.11
CA VAL A 40 -30.59 -14.18 8.53
C VAL A 40 -30.68 -14.29 7.02
N ASN A 41 -30.41 -13.19 6.32
CA ASN A 41 -30.48 -13.15 4.87
C ASN A 41 -29.12 -13.35 4.20
N ASP A 42 -28.05 -12.80 4.77
CA ASP A 42 -26.72 -12.97 4.19
C ASP A 42 -25.71 -13.20 5.29
N PHE A 43 -24.71 -14.04 4.97
CA PHE A 43 -23.70 -14.45 5.95
C PHE A 43 -22.46 -14.83 5.17
N THR A 44 -21.52 -13.89 5.03
CA THR A 44 -20.28 -14.14 4.31
C THR A 44 -19.11 -13.83 5.22
N CYS A 45 -18.03 -14.58 5.08
CA CYS A 45 -16.87 -14.41 5.92
C CYS A 45 -15.60 -14.25 5.09
N SER A 46 -14.56 -13.77 5.76
CA SER A 46 -13.24 -13.59 5.19
C SER A 46 -12.22 -14.19 6.14
N GLN A 47 -11.40 -15.12 5.60
CA GLN A 47 -10.42 -15.90 6.33
C GLN A 47 -11.02 -16.77 7.41
N ILE A 48 -12.32 -17.01 7.33
CA ILE A 48 -12.98 -17.89 8.27
C ILE A 48 -14.30 -18.27 7.62
N SER A 49 -15.02 -19.19 8.23
CA SER A 49 -16.30 -19.65 7.69
C SER A 49 -17.39 -19.42 8.72
N PRO A 50 -18.65 -19.38 8.29
CA PRO A 50 -19.75 -19.30 9.26
C PRO A 50 -19.70 -20.40 10.29
N ALA A 51 -19.24 -21.58 9.91
CA ALA A 51 -19.11 -22.68 10.86
C ALA A 51 -17.95 -22.44 11.84
N ALA A 52 -16.78 -22.09 11.32
CA ALA A 52 -15.59 -21.95 12.16
C ALA A 52 -15.71 -20.80 13.16
N ILE A 53 -16.30 -19.68 12.75
CA ILE A 53 -16.35 -18.53 13.64
C ILE A 53 -17.26 -18.80 14.84
N ALA A 54 -18.23 -19.69 14.70
CA ALA A 54 -19.13 -19.98 15.80
C ALA A 54 -18.55 -20.98 16.79
N SER A 55 -17.30 -21.43 16.61
CA SER A 55 -16.80 -22.55 17.40
C SER A 55 -15.30 -22.51 17.65
N ASN A 56 -14.71 -21.32 17.72
CA ASN A 56 -13.28 -21.19 17.93
C ASN A 56 -13.00 -20.35 19.17
N CYS A 57 -11.78 -20.51 19.69
CA CYS A 57 -11.32 -19.77 20.85
C CYS A 57 -10.44 -18.62 20.38
N TYR A 58 -10.82 -17.39 20.72
CA TYR A 58 -10.14 -16.20 20.26
C TYR A 58 -9.57 -15.43 21.46
N SER A 59 -8.55 -14.62 21.18
CA SER A 59 -8.04 -13.67 22.15
C SER A 59 -8.88 -12.42 22.24
N SER A 60 -9.74 -12.19 21.26
CA SER A 60 -10.56 -10.99 21.21
C SER A 60 -11.61 -11.18 20.15
N LEU A 61 -12.83 -10.72 20.44
CA LEU A 61 -13.91 -10.73 19.47
C LEU A 61 -14.59 -9.36 19.49
N ILE A 62 -14.66 -8.72 18.33
CA ILE A 62 -15.24 -7.39 18.16
C ILE A 62 -16.50 -7.52 17.31
N LEU A 63 -17.60 -6.94 17.79
CA LEU A 63 -18.89 -6.99 17.13
C LEU A 63 -19.42 -5.58 16.89
N ASP A 64 -19.44 -5.17 15.63
CA ASP A 64 -20.06 -3.91 15.24
C ASP A 64 -21.48 -4.21 14.79
N TYR A 65 -22.43 -3.32 15.13
CA TYR A 65 -23.80 -3.48 14.67
C TYR A 65 -24.38 -2.12 14.30
N PHE A 66 -25.33 -2.16 13.38
CA PHE A 66 -25.94 -0.93 12.85
C PHE A 66 -27.14 -1.30 12.00
N SER A 67 -28.05 -0.34 11.81
CA SER A 67 -29.13 -0.51 10.86
C SER A 67 -28.62 -0.44 9.43
N TYR A 68 -29.12 -1.33 8.58
CA TYR A 68 -28.67 -1.38 7.18
C TYR A 68 -29.72 -2.02 6.28
N PRO A 69 -30.10 -1.38 5.18
CA PRO A 69 -31.07 -1.98 4.27
C PRO A 69 -30.43 -3.07 3.41
N LEU A 70 -31.11 -4.22 3.32
CA LEU A 70 -30.63 -5.31 2.47
C LEU A 70 -30.30 -4.86 1.06
N SER A 71 -31.04 -3.88 0.55
CA SER A 71 -30.88 -3.43 -0.83
C SER A 71 -29.47 -2.96 -1.16
N MET A 72 -28.69 -2.53 -0.16
CA MET A 72 -27.35 -2.04 -0.41
C MET A 72 -26.29 -3.08 -0.09
N LYS A 73 -26.68 -4.36 -0.05
CA LYS A 73 -25.75 -5.46 0.16
C LYS A 73 -24.46 -5.28 -0.64
N SER A 74 -24.58 -5.07 -1.94
CA SER A 74 -23.40 -5.03 -2.80
C SER A 74 -22.43 -3.92 -2.41
N ASP A 75 -22.91 -2.87 -1.75
CA ASP A 75 -22.04 -1.77 -1.38
C ASP A 75 -21.14 -2.08 -0.19
N LEU A 76 -21.35 -3.22 0.49
CA LEU A 76 -20.48 -3.56 1.61
C LEU A 76 -19.08 -3.95 1.15
N SER A 77 -18.97 -4.52 -0.04
CA SER A 77 -17.67 -4.98 -0.51
C SER A 77 -16.76 -3.79 -0.76
N VAL A 78 -15.49 -3.92 -0.36
CA VAL A 78 -14.53 -2.89 -0.66
C VAL A 78 -14.32 -2.81 -2.17
N SER A 79 -14.54 -3.93 -2.87
CA SER A 79 -14.66 -3.89 -4.32
C SER A 79 -15.74 -2.89 -4.73
N SER A 80 -15.59 -2.37 -5.94
CA SER A 80 -16.35 -1.23 -6.43
C SER A 80 -15.88 0.03 -5.71
N ALA A 81 -16.48 1.17 -6.01
CA ALA A 81 -16.29 2.32 -5.15
C ALA A 81 -17.12 2.14 -3.89
N GLY A 82 -18.41 2.46 -3.97
CA GLY A 82 -19.31 2.23 -2.86
C GLY A 82 -19.09 3.21 -1.72
N PRO A 83 -20.01 4.16 -1.57
CA PRO A 83 -19.90 5.12 -0.44
C PRO A 83 -19.76 4.43 0.90
N ILE A 84 -20.36 3.25 1.07
CA ILE A 84 -20.32 2.57 2.37
C ILE A 84 -18.88 2.23 2.74
N SER A 85 -18.21 1.45 1.89
CA SER A 85 -16.86 1.00 2.22
C SER A 85 -15.85 2.14 2.15
N GLN A 86 -16.15 3.18 1.37
CA GLN A 86 -15.19 4.28 1.23
C GLN A 86 -15.32 5.28 2.38
N PHE A 87 -16.53 5.57 2.84
CA PHE A 87 -16.74 6.68 3.76
C PHE A 87 -17.47 6.29 5.03
N ASN A 88 -17.99 5.07 5.15
CA ASN A 88 -18.88 4.76 6.27
C ASN A 88 -18.33 3.64 7.14
N TYR A 89 -18.06 2.46 6.57
CA TYR A 89 -17.68 1.32 7.39
C TYR A 89 -16.74 0.45 6.58
N LYS A 90 -15.64 0.03 7.21
CA LYS A 90 -14.65 -0.81 6.56
C LYS A 90 -14.07 -1.75 7.60
N GLN A 91 -14.17 -3.05 7.35
CA GLN A 91 -13.62 -4.04 8.27
C GLN A 91 -12.12 -4.20 8.04
N SER A 92 -11.45 -4.72 9.07
CA SER A 92 -10.06 -5.10 8.91
C SER A 92 -9.91 -6.09 7.76
N PHE A 93 -8.95 -5.82 6.89
CA PHE A 93 -8.55 -6.80 5.89
C PHE A 93 -7.41 -7.65 6.40
N SER A 94 -6.88 -7.32 7.58
CA SER A 94 -5.79 -8.07 8.18
C SER A 94 -6.33 -9.27 8.97
N ASN A 95 -7.26 -9.03 9.92
CA ASN A 95 -7.87 -10.01 10.82
C ASN A 95 -9.07 -10.72 10.19
N PRO A 96 -9.39 -11.94 10.66
CA PRO A 96 -10.54 -12.67 10.11
C PRO A 96 -11.84 -11.97 10.44
N THR A 97 -12.68 -11.77 9.43
CA THR A 97 -13.94 -11.06 9.62
C THR A 97 -15.11 -11.89 9.12
N CYS A 98 -16.30 -11.47 9.53
CA CYS A 98 -17.55 -11.95 8.95
C CYS A 98 -18.51 -10.79 8.87
N LEU A 99 -19.46 -10.88 7.95
CA LEU A 99 -20.48 -9.87 7.73
C LEU A 99 -21.82 -10.57 7.58
N ILE A 100 -22.83 -10.09 8.32
CA ILE A 100 -24.15 -10.71 8.36
C ILE A 100 -25.20 -9.64 8.13
N LEU A 101 -26.12 -9.92 7.21
CA LEU A 101 -27.27 -9.06 6.93
C LEU A 101 -28.53 -9.81 7.37
N ALA A 102 -29.26 -9.23 8.33
CA ALA A 102 -30.40 -9.91 8.93
C ALA A 102 -31.59 -8.98 9.08
N THR A 103 -32.78 -9.57 9.09
CA THR A 103 -34.01 -8.85 9.39
C THR A 103 -34.48 -9.21 10.79
N VAL A 104 -35.02 -8.23 11.53
CA VAL A 104 -35.53 -8.43 12.84
C VAL A 104 -37.02 -8.79 12.74
N PRO A 105 -37.47 -9.92 13.22
CA PRO A 105 -38.87 -10.31 13.08
C PRO A 105 -39.80 -9.40 13.86
N HIS A 106 -41.08 -9.50 13.52
CA HIS A 106 -42.11 -8.79 14.27
C HIS A 106 -42.06 -9.15 15.75
N ASN A 107 -41.85 -10.44 16.05
CA ASN A 107 -41.86 -10.90 17.43
C ASN A 107 -40.66 -10.43 18.21
N LEU A 108 -39.72 -9.73 17.57
CA LEU A 108 -38.64 -9.05 18.26
C LEU A 108 -39.05 -7.59 18.41
N THR A 109 -39.32 -7.17 19.64
CA THR A 109 -39.97 -5.89 19.90
C THR A 109 -39.07 -4.87 20.58
N THR A 110 -38.09 -5.31 21.37
CA THR A 110 -37.22 -4.39 22.08
C THR A 110 -36.34 -3.57 21.14
N ILE A 111 -36.22 -3.96 19.88
CA ILE A 111 -35.43 -3.23 18.90
C ILE A 111 -36.38 -2.30 18.15
N THR A 112 -36.20 -0.99 18.34
CA THR A 112 -37.06 0.01 17.73
C THR A 112 -36.48 0.46 16.39
N LYS A 113 -37.40 0.90 15.48
CA LYS A 113 -36.95 1.32 14.16
C LYS A 113 -36.73 2.83 14.12
N PRO A 114 -35.68 3.29 13.46
CA PRO A 114 -35.50 4.72 13.21
C PRO A 114 -36.42 5.17 12.08
N LEU A 115 -36.40 6.48 11.81
CA LEU A 115 -37.23 7.02 10.75
C LEU A 115 -36.86 6.45 9.39
N LYS A 116 -35.56 6.24 9.17
CA LYS A 116 -35.08 5.81 7.86
C LYS A 116 -33.64 5.32 8.03
N TYR A 117 -33.07 4.83 6.94
CA TYR A 117 -31.66 4.50 6.88
C TYR A 117 -30.88 5.70 6.33
N SER A 118 -29.76 6.02 6.96
CA SER A 118 -28.89 7.11 6.51
C SER A 118 -27.49 6.60 6.21
N TYR A 119 -26.83 7.25 5.26
CA TYR A 119 -25.42 6.95 5.02
C TYR A 119 -24.72 8.16 4.40
N ILE A 120 -23.40 8.11 4.40
CA ILE A 120 -22.57 9.17 3.84
C ILE A 120 -22.25 8.84 2.39
N ASN A 121 -22.71 9.69 1.47
CA ASN A 121 -22.46 9.47 0.05
C ASN A 121 -21.16 10.12 -0.42
N LYS A 122 -20.56 10.98 0.40
CA LYS A 122 -19.35 11.69 -0.01
C LYS A 122 -18.69 12.24 1.24
N CYS A 123 -17.39 12.00 1.36
CA CYS A 123 -16.56 12.59 2.39
C CYS A 123 -15.26 12.98 1.72
N SER A 124 -15.08 14.27 1.48
CA SER A 124 -13.93 14.74 0.75
C SER A 124 -13.41 15.98 1.44
N ARG A 125 -12.21 16.38 1.05
CA ARG A 125 -11.54 17.52 1.64
C ARG A 125 -11.20 18.42 0.47
N LEU A 126 -11.69 19.65 0.53
CA LEU A 126 -11.34 20.58 -0.52
C LEU A 126 -9.94 21.05 -0.19
N LEU A 127 -8.99 20.72 -1.06
CA LEU A 127 -7.67 21.19 -0.74
C LEU A 127 -7.67 22.70 -0.79
N SER A 128 -6.60 23.27 -0.25
CA SER A 128 -6.63 24.71 -0.21
C SER A 128 -6.41 25.32 -1.57
N ASP A 129 -6.04 24.50 -2.59
CA ASP A 129 -6.19 24.97 -3.97
C ASP A 129 -7.66 25.01 -4.40
N ASP A 130 -8.57 24.92 -3.42
CA ASP A 130 -10.03 25.06 -3.56
C ASP A 130 -10.60 24.62 -4.90
N ARG A 131 -9.87 23.80 -5.62
CA ARG A 131 -10.30 23.18 -6.86
C ARG A 131 -10.22 21.66 -6.72
N THR A 132 -9.08 21.17 -6.22
CA THR A 132 -8.86 19.74 -6.05
C THR A 132 -9.57 19.25 -4.79
N GLU A 133 -10.31 18.17 -4.93
CA GLU A 133 -10.98 17.51 -3.83
C GLU A 133 -10.31 16.17 -3.59
N VAL A 134 -9.95 15.89 -2.35
CA VAL A 134 -9.29 14.63 -1.98
C VAL A 134 -10.27 13.83 -1.13
N PRO A 135 -10.70 12.65 -1.57
CA PRO A 135 -11.61 11.85 -0.75
C PRO A 135 -10.98 11.52 0.60
N GLN A 136 -11.81 11.51 1.62
CA GLN A 136 -11.40 11.18 2.98
C GLN A 136 -11.98 9.80 3.30
N LEU A 137 -11.17 8.77 3.13
CA LEU A 137 -11.65 7.40 3.25
C LEU A 137 -11.62 6.94 4.70
N VAL A 138 -12.62 6.14 5.08
CA VAL A 138 -12.67 5.58 6.42
C VAL A 138 -11.64 4.46 6.53
N ASN A 139 -10.99 4.38 7.68
CA ASN A 139 -10.03 3.31 7.93
C ASN A 139 -10.71 2.14 8.64
N ALA A 140 -10.06 0.98 8.58
CA ALA A 140 -10.54 -0.19 9.28
C ALA A 140 -10.64 0.09 10.78
N ASN A 141 -11.74 -0.37 11.37
CA ASN A 141 -12.01 -0.22 12.80
C ASN A 141 -12.08 1.23 13.24
N GLN A 142 -12.18 2.18 12.30
CA GLN A 142 -12.28 3.60 12.62
C GLN A 142 -13.59 4.14 12.10
N TYR A 143 -13.91 5.35 12.55
CA TYR A 143 -15.07 6.06 12.03
C TYR A 143 -14.65 7.03 10.94
N SER A 144 -15.64 7.47 10.16
CA SER A 144 -15.38 8.40 9.08
C SER A 144 -14.80 9.70 9.64
N PRO A 145 -13.87 10.33 8.92
CA PRO A 145 -13.46 11.69 9.30
C PRO A 145 -14.63 12.67 9.36
N CYS A 146 -15.68 12.42 8.59
CA CYS A 146 -16.82 13.33 8.49
C CYS A 146 -17.88 13.10 9.58
N VAL A 147 -17.67 12.15 10.50
CA VAL A 147 -18.67 11.87 11.53
C VAL A 147 -18.94 13.07 12.44
N SER A 148 -17.99 13.99 12.56
CA SER A 148 -18.19 15.15 13.44
C SER A 148 -19.13 16.18 12.84
N ILE A 149 -19.26 16.23 11.52
CA ILE A 149 -20.10 17.23 10.86
C ILE A 149 -21.40 16.66 10.32
N VAL A 150 -21.54 15.34 10.31
CA VAL A 150 -22.77 14.69 9.83
C VAL A 150 -23.57 14.30 11.06
N PRO A 151 -24.86 14.66 11.10
CA PRO A 151 -25.68 14.23 12.25
C PRO A 151 -25.98 12.75 12.13
N SER A 152 -26.27 12.13 13.27
CA SER A 152 -26.51 10.70 13.32
C SER A 152 -27.70 10.27 12.46
N THR A 153 -28.52 11.21 12.01
CA THR A 153 -29.55 10.92 11.03
C THR A 153 -29.43 11.98 9.95
N VAL A 154 -29.38 11.53 8.69
CA VAL A 154 -29.26 12.44 7.55
C VAL A 154 -30.60 13.11 7.33
N TRP A 155 -30.59 14.44 7.35
CA TRP A 155 -31.86 15.14 7.34
C TRP A 155 -32.68 14.88 6.09
N GLU A 156 -32.12 15.21 4.95
CA GLU A 156 -32.88 15.27 3.70
C GLU A 156 -31.91 14.82 2.64
N ASP A 157 -32.32 13.84 1.83
CA ASP A 157 -31.41 13.27 0.84
C ASP A 157 -30.76 14.36 0.02
N GLY A 158 -29.43 14.41 0.06
CA GLY A 158 -28.66 15.41 -0.62
C GLY A 158 -28.08 16.50 0.26
N ASP A 159 -28.33 16.46 1.57
CA ASP A 159 -27.80 17.48 2.46
C ASP A 159 -26.28 17.51 2.42
N TYR A 160 -25.73 18.72 2.53
CA TYR A 160 -24.30 18.94 2.55
C TYR A 160 -23.87 19.49 3.90
N TYR A 161 -22.63 19.16 4.27
CA TYR A 161 -22.04 19.58 5.52
C TYR A 161 -20.61 19.99 5.24
N ARG A 162 -20.19 21.14 5.76
CA ARG A 162 -18.84 21.62 5.55
C ARG A 162 -18.27 22.15 6.86
N LYS A 163 -16.96 22.01 7.00
CA LYS A 163 -16.25 22.57 8.14
C LYS A 163 -14.98 23.24 7.65
N GLN A 164 -14.76 24.48 8.10
CA GLN A 164 -13.49 25.14 7.84
C GLN A 164 -12.43 24.55 8.73
N LEU A 165 -11.29 24.21 8.15
CA LEU A 165 -10.22 23.53 8.87
C LEU A 165 -9.19 24.55 9.35
N SER A 166 -8.80 24.44 10.62
CA SER A 166 -7.68 25.22 11.14
C SER A 166 -6.36 24.73 10.57
N PRO A 167 -5.33 25.58 10.59
CA PRO A 167 -4.03 25.17 10.01
C PRO A 167 -3.39 23.99 10.70
N LEU A 168 -3.79 23.72 11.94
CA LEU A 168 -3.40 22.49 12.61
C LEU A 168 -3.94 21.28 11.85
N GLU A 169 -5.15 21.39 11.33
CA GLU A 169 -5.85 20.36 10.58
C GLU A 169 -5.39 20.29 9.13
N GLY A 170 -4.46 21.17 8.75
CA GLY A 170 -3.96 21.28 7.40
C GLY A 170 -4.61 22.37 6.59
N GLY A 171 -5.60 23.06 7.16
CA GLY A 171 -6.30 24.11 6.46
C GLY A 171 -7.34 23.53 5.53
N GLY A 172 -7.97 24.43 4.78
CA GLY A 172 -8.95 23.99 3.81
C GLY A 172 -10.31 23.70 4.42
N TRP A 173 -11.08 22.88 3.69
CA TRP A 173 -12.45 22.56 4.06
C TRP A 173 -12.70 21.07 4.02
N LEU A 174 -13.47 20.58 5.00
CA LEU A 174 -14.02 19.23 4.96
C LEU A 174 -15.45 19.29 4.43
N VAL A 175 -15.72 18.47 3.42
CA VAL A 175 -17.00 18.47 2.73
C VAL A 175 -17.58 17.07 2.76
N ALA A 176 -18.85 16.96 3.19
CA ALA A 176 -19.56 15.69 3.21
C ALA A 176 -20.97 15.90 2.68
N SER A 177 -21.55 14.83 2.12
CA SER A 177 -22.94 14.82 1.71
C SER A 177 -23.60 13.54 2.20
N GLY A 178 -24.88 13.65 2.55
CA GLY A 178 -25.63 12.53 3.10
C GLY A 178 -26.75 12.06 2.18
N SER A 179 -27.06 10.77 2.25
CA SER A 179 -28.17 10.17 1.53
C SER A 179 -29.03 9.34 2.47
N THR A 180 -30.28 9.12 2.05
CA THR A 180 -31.27 8.41 2.84
C THR A 180 -31.96 7.32 2.02
N VAL A 181 -32.43 6.28 2.74
CA VAL A 181 -33.23 5.20 2.19
C VAL A 181 -34.44 4.99 3.09
N ALA A 182 -35.61 4.80 2.49
CA ALA A 182 -36.84 4.66 3.26
C ALA A 182 -36.80 3.44 4.16
N MET A 183 -37.43 3.57 5.33
CA MET A 183 -37.52 2.47 6.28
C MET A 183 -38.33 1.32 5.69
N THR A 184 -37.91 0.10 6.03
CA THR A 184 -38.59 -1.10 5.57
C THR A 184 -39.65 -1.53 6.57
N GLU A 185 -40.52 -2.44 6.12
CA GLU A 185 -41.54 -3.03 6.98
C GLU A 185 -40.95 -3.47 8.32
N GLN A 186 -40.07 -4.47 8.28
CA GLN A 186 -39.27 -4.86 9.43
C GLN A 186 -37.88 -4.28 9.27
N LEU A 187 -37.32 -3.81 10.38
CA LEU A 187 -35.98 -3.24 10.32
C LEU A 187 -35.00 -4.26 9.80
N GLN A 188 -34.02 -3.79 9.03
CA GLN A 188 -32.93 -4.63 8.56
C GLN A 188 -31.63 -4.10 9.12
N MET A 189 -30.73 -5.02 9.49
CA MET A 189 -29.53 -4.66 10.23
C MET A 189 -28.32 -5.41 9.69
N GLY A 190 -27.16 -4.80 9.92
CA GLY A 190 -25.88 -5.41 9.61
C GLY A 190 -25.01 -5.59 10.83
N PHE A 191 -24.26 -6.71 10.85
CA PHE A 191 -23.33 -7.06 11.92
C PHE A 191 -21.98 -7.39 11.31
N GLY A 192 -20.93 -6.72 11.78
CA GLY A 192 -19.56 -7.05 11.41
C GLY A 192 -18.75 -7.64 12.54
N ILE A 193 -18.20 -8.85 12.35
CA ILE A 193 -17.40 -9.53 13.36
C ILE A 193 -15.94 -9.52 12.94
N THR A 194 -15.06 -9.22 13.90
CA THR A 194 -13.62 -9.36 13.74
C THR A 194 -13.05 -10.15 14.92
N VAL A 195 -12.25 -11.19 14.64
CA VAL A 195 -11.68 -12.03 15.69
C VAL A 195 -10.15 -11.94 15.66
N GLN A 196 -9.53 -12.23 16.81
CA GLN A 196 -8.06 -12.26 16.91
C GLN A 196 -7.59 -13.54 17.62
N TYR A 197 -6.44 -14.07 17.20
CA TYR A 197 -5.79 -15.26 17.78
C TYR A 197 -4.39 -14.95 18.27
N GLY A 198 -3.88 -15.71 19.27
CA GLY A 198 -2.49 -15.61 19.70
C GLY A 198 -1.85 -16.86 20.25
N THR A 199 -0.92 -16.62 21.21
CA THR A 199 -0.14 -17.60 21.96
C THR A 199 -0.74 -18.00 23.32
N ASP A 200 -0.93 -17.07 24.31
CA ASP A 200 -1.46 -17.43 25.66
C ASP A 200 -2.63 -16.62 26.25
N THR A 201 -3.79 -16.52 25.58
CA THR A 201 -4.88 -15.66 26.05
C THR A 201 -6.24 -15.86 25.35
N ASN A 202 -6.36 -16.82 24.41
CA ASN A 202 -7.57 -17.07 23.61
C ASN A 202 -8.70 -17.47 24.51
N SER A 203 -9.18 -16.52 25.29
CA SER A 203 -10.15 -16.80 26.34
C SER A 203 -11.58 -16.61 25.86
N VAL A 204 -11.78 -16.01 24.69
CA VAL A 204 -13.12 -15.91 24.13
C VAL A 204 -13.46 -17.26 23.50
N CYS A 205 -14.12 -18.12 24.27
CA CYS A 205 -14.37 -19.45 23.77
C CYS A 205 -15.86 -19.73 23.68
N PRO A 206 -16.29 -20.59 22.76
CA PRO A 206 -17.70 -20.97 22.71
C PRO A 206 -18.09 -21.72 23.96
N LYS A 207 -19.33 -21.51 24.39
CA LYS A 207 -19.82 -22.23 25.56
C LYS A 207 -20.15 -23.65 25.16
N LEU A 208 -19.84 -24.59 26.04
CA LEU A 208 -20.05 -25.98 25.74
C LEU A 208 -21.19 -26.56 26.59
N VAL B 1 -9.86 -39.33 1.27
CA VAL B 1 -9.71 -39.40 2.71
C VAL B 1 -8.23 -39.54 3.07
N GLU B 2 -7.85 -38.98 4.21
CA GLU B 2 -6.50 -39.02 4.74
C GLU B 2 -5.54 -38.17 3.92
N CYS B 3 -5.08 -37.07 4.51
CA CYS B 3 -4.09 -36.21 3.86
C CYS B 3 -2.71 -36.85 4.05
N ASP B 4 -1.91 -36.83 2.99
CA ASP B 4 -0.65 -37.57 2.95
C ASP B 4 0.53 -36.62 3.18
N PHE B 5 1.15 -36.72 4.35
CA PHE B 5 2.36 -35.98 4.67
C PHE B 5 3.63 -36.78 4.40
N SER B 6 3.50 -37.93 3.75
CA SER B 6 4.65 -38.79 3.48
C SER B 6 5.78 -38.13 2.69
N PRO B 7 5.53 -37.41 1.57
CA PRO B 7 6.66 -36.85 0.80
C PRO B 7 7.61 -35.99 1.63
N LEU B 8 7.09 -35.28 2.62
CA LEU B 8 7.94 -34.47 3.50
C LEU B 8 9.02 -35.30 4.18
N LEU B 9 8.73 -36.57 4.47
CA LEU B 9 9.62 -37.43 5.25
C LEU B 9 10.63 -38.19 4.42
N SER B 10 10.53 -38.13 3.10
CA SER B 10 11.36 -38.94 2.20
C SER B 10 12.38 -38.03 1.52
N GLY B 11 13.65 -38.19 1.90
CA GLY B 11 14.74 -37.55 1.18
C GLY B 11 15.31 -36.32 1.84
N THR B 12 15.86 -35.42 1.02
CA THR B 12 16.55 -34.23 1.50
C THR B 12 15.67 -33.01 1.30
N PRO B 13 15.36 -32.25 2.33
CA PRO B 13 14.50 -31.07 2.18
C PRO B 13 15.21 -29.99 1.39
N PRO B 14 14.50 -29.30 0.50
CA PRO B 14 15.14 -28.25 -0.30
C PRO B 14 15.48 -27.04 0.55
N GLN B 15 16.29 -26.16 -0.03
CA GLN B 15 16.61 -24.91 0.66
C GLN B 15 15.41 -23.98 0.62
N VAL B 16 15.44 -22.98 1.51
CA VAL B 16 14.27 -22.13 1.75
C VAL B 16 13.78 -21.50 0.45
N TYR B 17 14.68 -21.04 -0.41
CA TYR B 17 14.26 -20.41 -1.64
C TYR B 17 13.76 -21.44 -2.67
N ASN B 18 13.90 -22.74 -2.37
CA ASN B 18 13.37 -23.80 -3.21
C ASN B 18 12.34 -24.62 -2.44
N PHE B 19 11.62 -23.97 -1.53
CA PHE B 19 10.69 -24.66 -0.65
C PHE B 19 9.73 -25.54 -1.43
N LYS B 20 9.48 -26.73 -0.91
CA LYS B 20 8.52 -27.62 -1.55
C LYS B 20 7.13 -27.38 -0.98
N ARG B 21 6.13 -27.30 -1.86
CA ARG B 21 4.75 -26.97 -1.49
C ARG B 21 3.84 -28.17 -1.72
N LEU B 22 3.13 -28.57 -0.66
CA LEU B 22 2.13 -29.62 -0.71
C LEU B 22 0.75 -29.00 -0.50
N VAL B 23 -0.16 -29.23 -1.46
CA VAL B 23 -1.49 -28.62 -1.43
C VAL B 23 -2.51 -29.70 -1.11
N PHE B 24 -3.42 -29.41 -0.20
CA PHE B 24 -4.42 -30.36 0.26
C PHE B 24 -5.82 -29.79 0.12
N THR B 25 -6.68 -30.56 -0.55
CA THR B 25 -8.11 -30.34 -0.59
C THR B 25 -8.78 -31.70 -0.46
N ASN B 26 -9.91 -31.75 0.22
CA ASN B 26 -10.76 -32.94 0.30
C ASN B 26 -10.01 -34.12 0.92
N CYS B 27 -9.67 -33.95 2.21
CA CYS B 27 -9.08 -35.02 2.99
C CYS B 27 -9.20 -34.69 4.47
N ASN B 28 -8.69 -35.59 5.30
CA ASN B 28 -8.78 -35.50 6.75
C ASN B 28 -7.36 -35.60 7.31
N TYR B 29 -7.01 -34.66 8.18
CA TYR B 29 -5.64 -34.52 8.66
C TYR B 29 -5.52 -34.84 10.14
N ASN B 30 -4.31 -35.25 10.54
CA ASN B 30 -3.92 -35.33 11.95
C ASN B 30 -2.59 -34.60 12.07
N LEU B 31 -2.65 -33.33 12.48
CA LEU B 31 -1.45 -32.47 12.48
C LEU B 31 -0.51 -32.83 13.61
N THR B 32 -1.03 -33.04 14.82
CA THR B 32 -0.18 -33.41 15.95
C THR B 32 0.42 -34.80 15.75
N LYS B 33 -0.19 -35.64 14.91
CA LYS B 33 0.43 -36.88 14.51
C LYS B 33 1.74 -36.62 13.78
N LEU B 34 1.74 -35.63 12.88
CA LEU B 34 2.96 -35.28 12.15
C LEU B 34 3.97 -34.60 13.06
N LEU B 35 3.53 -33.65 13.89
CA LEU B 35 4.47 -32.96 14.77
C LEU B 35 5.00 -33.84 15.89
N SER B 36 4.37 -34.98 16.16
CA SER B 36 4.91 -35.92 17.14
C SER B 36 6.25 -36.50 16.70
N LEU B 37 6.58 -36.43 15.41
CA LEU B 37 7.82 -36.98 14.90
C LEU B 37 9.03 -36.07 15.14
N PHE B 38 8.81 -34.77 15.28
CA PHE B 38 9.90 -33.81 15.40
C PHE B 38 9.94 -33.22 16.80
N SER B 39 11.11 -32.72 17.16
CA SER B 39 11.26 -31.82 18.30
C SER B 39 10.90 -30.42 17.84
N VAL B 40 9.76 -29.91 18.29
CA VAL B 40 9.26 -28.62 17.85
C VAL B 40 9.86 -27.54 18.74
N ASN B 41 10.62 -26.63 18.14
CA ASN B 41 11.27 -25.55 18.87
C ASN B 41 10.47 -24.25 18.84
N ASP B 42 9.85 -23.92 17.71
CA ASP B 42 9.07 -22.70 17.62
C ASP B 42 7.80 -22.98 16.84
N PHE B 43 6.71 -22.32 17.25
CA PHE B 43 5.39 -22.56 16.65
C PHE B 43 4.58 -21.28 16.86
N THR B 44 4.56 -20.43 15.84
CA THR B 44 3.84 -19.17 15.90
C THR B 44 2.84 -19.10 14.77
N CYS B 45 1.70 -18.49 15.01
CA CYS B 45 0.64 -18.38 14.01
C CYS B 45 0.21 -16.94 13.83
N SER B 46 -0.48 -16.70 12.72
CA SER B 46 -1.05 -15.41 12.37
C SER B 46 -2.50 -15.62 11.96
N GLN B 47 -3.38 -14.89 12.64
CA GLN B 47 -4.84 -14.98 12.49
C GLN B 47 -5.39 -16.35 12.81
N ILE B 48 -4.64 -17.15 13.54
CA ILE B 48 -5.12 -18.45 13.97
C ILE B 48 -4.21 -18.83 15.12
N SER B 49 -4.52 -19.92 15.80
CA SER B 49 -3.70 -20.35 16.91
C SER B 49 -3.21 -21.76 16.62
N PRO B 50 -2.12 -22.19 17.26
CA PRO B 50 -1.68 -23.59 17.08
C PRO B 50 -2.77 -24.57 17.46
N ALA B 51 -3.61 -24.23 18.44
CA ALA B 51 -4.74 -25.08 18.78
C ALA B 51 -5.80 -25.03 17.70
N ALA B 52 -6.16 -23.82 17.26
CA ALA B 52 -7.24 -23.68 16.27
C ALA B 52 -6.85 -24.29 14.94
N ILE B 53 -5.60 -24.12 14.52
CA ILE B 53 -5.21 -24.64 13.21
C ILE B 53 -5.19 -26.16 13.22
N ALA B 54 -4.98 -26.78 14.39
CA ALA B 54 -4.95 -28.23 14.47
C ALA B 54 -6.34 -28.85 14.54
N SER B 55 -7.41 -28.05 14.44
CA SER B 55 -8.75 -28.56 14.74
C SER B 55 -9.85 -27.84 13.96
N ASN B 56 -9.56 -27.34 12.76
CA ASN B 56 -10.54 -26.62 11.98
C ASN B 56 -10.73 -27.26 10.61
N CYS B 57 -11.87 -26.98 9.99
CA CYS B 57 -12.21 -27.47 8.65
C CYS B 57 -11.94 -26.37 7.63
N TYR B 58 -11.09 -26.66 6.65
CA TYR B 58 -10.67 -25.68 5.67
C TYR B 58 -11.09 -26.10 4.27
N SER B 59 -11.18 -25.11 3.38
CA SER B 59 -11.37 -25.40 1.96
C SER B 59 -10.07 -25.74 1.27
N SER B 60 -8.93 -25.46 1.89
CA SER B 60 -7.62 -25.68 1.30
C SER B 60 -6.56 -25.51 2.38
N LEU B 61 -5.54 -26.37 2.36
CA LEU B 61 -4.41 -26.25 3.26
C LEU B 61 -3.12 -26.41 2.48
N ILE B 62 -2.23 -25.43 2.60
CA ILE B 62 -0.94 -25.42 1.90
C ILE B 62 0.17 -25.57 2.93
N LEU B 63 1.08 -26.50 2.68
CA LEU B 63 2.20 -26.81 3.56
C LEU B 63 3.50 -26.71 2.79
N ASP B 64 4.27 -25.66 3.08
CA ASP B 64 5.61 -25.52 2.52
C ASP B 64 6.61 -26.10 3.52
N TYR B 65 7.65 -26.75 3.01
CA TYR B 65 8.70 -27.25 3.89
C TYR B 65 10.06 -27.04 3.23
N PHE B 66 11.08 -26.92 4.09
CA PHE B 66 12.44 -26.64 3.64
C PHE B 66 13.40 -26.77 4.81
N SER B 67 14.67 -26.99 4.49
CA SER B 67 15.71 -26.94 5.51
C SER B 67 15.94 -25.49 5.95
N TYR B 68 16.09 -25.30 7.27
CA TYR B 68 16.29 -23.96 7.80
C TYR B 68 16.98 -24.03 9.15
N PRO B 69 18.08 -23.28 9.35
CA PRO B 69 18.76 -23.30 10.65
C PRO B 69 18.00 -22.46 11.67
N LEU B 70 17.83 -23.03 12.86
CA LEU B 70 17.18 -22.32 13.97
C LEU B 70 17.80 -20.94 14.19
N SER B 71 19.11 -20.81 13.96
CA SER B 71 19.81 -19.56 14.24
C SER B 71 19.24 -18.37 13.48
N MET B 72 18.57 -18.58 12.36
CA MET B 72 18.01 -17.50 11.57
C MET B 72 16.52 -17.32 11.81
N LYS B 73 16.00 -17.83 12.94
CA LYS B 73 14.62 -17.65 13.33
C LYS B 73 14.13 -16.22 13.08
N SER B 74 14.84 -15.23 13.62
CA SER B 74 14.38 -13.85 13.56
C SER B 74 14.23 -13.35 12.13
N ASP B 75 14.94 -13.97 11.19
CA ASP B 75 14.88 -13.53 9.79
C ASP B 75 13.59 -13.95 9.10
N LEU B 76 12.78 -14.81 9.71
CA LEU B 76 11.53 -15.20 9.09
C LEU B 76 10.51 -14.06 9.08
N SER B 77 10.55 -13.19 10.09
CA SER B 77 9.57 -12.12 10.20
C SER B 77 9.75 -11.11 9.07
N VAL B 78 8.63 -10.66 8.51
CA VAL B 78 8.69 -9.61 7.49
C VAL B 78 9.19 -8.31 8.12
N SER B 79 8.94 -8.12 9.42
CA SER B 79 9.61 -7.06 10.16
C SER B 79 11.12 -7.21 10.02
N SER B 80 11.82 -6.07 10.15
CA SER B 80 13.24 -5.96 9.82
C SER B 80 13.40 -6.03 8.31
N ALA B 81 14.64 -5.95 7.83
CA ALA B 81 14.90 -6.31 6.44
C ALA B 81 14.90 -7.83 6.28
N GLY B 82 16.01 -8.47 6.60
CA GLY B 82 16.10 -9.91 6.58
C GLY B 82 16.06 -10.48 5.18
N PRO B 83 17.20 -11.02 4.72
CA PRO B 83 17.24 -11.64 3.39
C PRO B 83 16.19 -12.72 3.19
N ILE B 84 15.82 -13.45 4.24
CA ILE B 84 14.86 -14.56 4.10
C ILE B 84 13.51 -14.04 3.62
N SER B 85 12.91 -13.13 4.37
CA SER B 85 11.57 -12.65 4.03
C SER B 85 11.58 -11.78 2.78
N GLN B 86 12.71 -11.16 2.47
CA GLN B 86 12.77 -10.27 1.31
C GLN B 86 13.00 -11.03 0.00
N PHE B 87 13.82 -12.08 0.02
CA PHE B 87 14.28 -12.70 -1.21
C PHE B 87 14.03 -14.20 -1.30
N ASN B 88 13.60 -14.86 -0.23
CA ASN B 88 13.57 -16.32 -0.23
C ASN B 88 12.16 -16.86 -0.03
N TYR B 89 11.49 -16.49 1.06
CA TYR B 89 10.20 -17.07 1.40
C TYR B 89 9.35 -16.04 2.11
N LYS B 90 8.09 -15.93 1.69
CA LYS B 90 7.17 -14.97 2.29
C LYS B 90 5.78 -15.58 2.27
N GLN B 91 5.16 -15.71 3.44
CA GLN B 91 3.82 -16.25 3.52
C GLN B 91 2.79 -15.18 3.20
N SER B 92 1.60 -15.63 2.82
CA SER B 92 0.49 -14.71 2.68
C SER B 92 0.27 -13.94 3.96
N PHE B 93 0.15 -12.62 3.83
CA PHE B 93 -0.29 -11.78 4.93
C PHE B 93 -1.79 -11.62 4.90
N SER B 94 -2.42 -12.15 3.85
CA SER B 94 -3.87 -12.06 3.71
C SER B 94 -4.57 -13.19 4.46
N ASN B 95 -4.16 -14.52 4.20
CA ASN B 95 -4.70 -15.77 4.74
C ASN B 95 -4.08 -16.13 6.09
N PRO B 96 -4.80 -16.90 6.92
CA PRO B 96 -4.23 -17.32 8.22
C PRO B 96 -3.07 -18.28 7.99
N THR B 97 -1.96 -18.00 8.65
CA THR B 97 -0.77 -18.82 8.47
C THR B 97 -0.25 -19.31 9.80
N CYS B 98 0.64 -20.29 9.74
CA CYS B 98 1.45 -20.69 10.88
C CYS B 98 2.86 -21.00 10.38
N LEU B 99 3.82 -20.87 11.28
CA LEU B 99 5.22 -21.13 10.99
C LEU B 99 5.80 -21.96 12.13
N ILE B 100 6.48 -23.04 11.78
CA ILE B 100 7.00 -23.99 12.75
C ILE B 100 8.47 -24.24 12.44
N LEU B 101 9.32 -24.11 13.46
CA LEU B 101 10.74 -24.41 13.38
C LEU B 101 10.99 -25.65 14.23
N ALA B 102 11.45 -26.72 13.60
CA ALA B 102 11.59 -28.01 14.27
C ALA B 102 12.93 -28.65 13.95
N THR B 103 13.40 -29.48 14.87
CA THR B 103 14.58 -30.31 14.65
C THR B 103 14.14 -31.75 14.42
N VAL B 104 14.80 -32.46 13.51
CA VAL B 104 14.52 -33.83 13.22
C VAL B 104 15.38 -34.70 14.15
N PRO B 105 14.81 -35.56 14.98
CA PRO B 105 15.60 -36.34 15.92
C PRO B 105 16.48 -37.36 15.21
N HIS B 106 17.41 -37.92 15.99
CA HIS B 106 18.22 -39.02 15.49
C HIS B 106 17.36 -40.17 14.99
N ASN B 107 16.28 -40.47 15.72
CA ASN B 107 15.43 -41.62 15.41
C ASN B 107 14.60 -41.43 14.15
N LEU B 108 14.67 -40.27 13.49
CA LEU B 108 14.07 -40.05 12.18
C LEU B 108 15.19 -40.19 11.14
N THR B 109 15.12 -41.25 10.33
CA THR B 109 16.23 -41.62 9.47
C THR B 109 15.97 -41.40 8.00
N THR B 110 14.72 -41.47 7.55
CA THR B 110 14.40 -41.29 6.14
C THR B 110 14.69 -39.88 5.64
N ILE B 111 14.89 -38.92 6.53
CA ILE B 111 15.20 -37.54 6.15
C ILE B 111 16.71 -37.38 6.15
N THR B 112 17.28 -37.16 4.97
CA THR B 112 18.73 -37.00 4.83
C THR B 112 19.11 -35.53 4.89
N LYS B 113 20.38 -35.27 5.37
CA LYS B 113 20.86 -33.90 5.51
C LYS B 113 21.63 -33.45 4.28
N PRO B 114 21.43 -32.21 3.85
CA PRO B 114 22.26 -31.63 2.78
C PRO B 114 23.64 -31.25 3.32
N LEU B 115 24.49 -30.76 2.43
CA LEU B 115 25.84 -30.36 2.84
C LEU B 115 25.78 -29.19 3.82
N LYS B 116 24.85 -28.28 3.62
CA LYS B 116 24.78 -27.06 4.43
C LYS B 116 23.43 -26.41 4.19
N TYR B 117 23.18 -25.31 4.90
CA TYR B 117 22.04 -24.45 4.62
C TYR B 117 22.47 -23.35 3.66
N SER B 118 21.67 -23.09 2.65
CA SER B 118 21.92 -22.02 1.71
C SER B 118 20.76 -21.05 1.71
N TYR B 119 21.05 -19.77 1.45
CA TYR B 119 19.99 -18.79 1.27
C TYR B 119 20.49 -17.68 0.36
N ILE B 120 19.54 -16.89 -0.14
CA ILE B 120 19.83 -15.76 -1.01
C ILE B 120 19.95 -14.52 -0.15
N ASN B 121 21.14 -13.91 -0.13
CA ASN B 121 21.36 -12.70 0.64
C ASN B 121 21.06 -11.43 -0.14
N LYS B 122 20.87 -11.53 -1.45
CA LYS B 122 20.67 -10.36 -2.30
C LYS B 122 20.06 -10.80 -3.62
N CYS B 123 19.00 -10.11 -4.03
CA CYS B 123 18.40 -10.29 -5.34
C CYS B 123 18.02 -8.88 -5.84
N SER B 124 18.78 -8.35 -6.80
CA SER B 124 18.57 -6.98 -7.25
C SER B 124 18.66 -6.92 -8.77
N ARG B 125 18.19 -5.80 -9.31
CA ARG B 125 18.12 -5.59 -10.75
C ARG B 125 18.79 -4.28 -11.09
N LEU B 126 19.81 -4.34 -11.92
CA LEU B 126 20.53 -3.17 -12.39
C LEU B 126 19.81 -2.54 -13.58
N LEU B 127 19.45 -1.26 -13.45
CA LEU B 127 18.83 -0.56 -14.55
C LEU B 127 19.89 -0.25 -15.62
N SER B 128 19.44 0.19 -16.79
CA SER B 128 20.40 0.41 -17.88
C SER B 128 21.29 1.62 -17.66
N ASP B 129 21.05 2.44 -16.62
CA ASP B 129 22.05 3.41 -16.21
C ASP B 129 23.22 2.80 -15.47
N ASP B 130 23.23 1.47 -15.28
CA ASP B 130 24.32 0.71 -14.67
C ASP B 130 24.73 1.31 -13.32
N ARG B 131 23.84 2.12 -12.72
CA ARG B 131 24.03 2.74 -11.41
C ARG B 131 22.92 2.39 -10.42
N THR B 132 21.65 2.60 -10.78
CA THR B 132 20.55 2.37 -9.84
C THR B 132 20.25 0.87 -9.76
N GLU B 133 20.18 0.35 -8.53
CA GLU B 133 19.81 -1.04 -8.28
C GLU B 133 18.45 -1.07 -7.58
N VAL B 134 17.54 -1.88 -8.11
CA VAL B 134 16.19 -2.02 -7.56
C VAL B 134 16.03 -3.42 -7.00
N PRO B 135 15.78 -3.59 -5.70
CA PRO B 135 15.60 -4.93 -5.14
C PRO B 135 14.44 -5.68 -5.77
N GLN B 136 14.60 -7.00 -5.90
CA GLN B 136 13.57 -7.90 -6.44
C GLN B 136 13.04 -8.76 -5.29
N LEU B 137 11.89 -8.36 -4.73
CA LEU B 137 11.34 -9.02 -3.56
C LEU B 137 10.46 -10.21 -3.93
N VAL B 138 10.52 -11.26 -3.11
CA VAL B 138 9.66 -12.43 -3.30
C VAL B 138 8.25 -12.09 -2.87
N ASN B 139 7.27 -12.58 -3.61
CA ASN B 139 5.87 -12.39 -3.28
C ASN B 139 5.36 -13.58 -2.46
N ALA B 140 4.22 -13.36 -1.80
CA ALA B 140 3.57 -14.43 -1.07
C ALA B 140 3.23 -15.59 -1.99
N ASN B 141 3.48 -16.80 -1.51
CA ASN B 141 3.21 -18.06 -2.21
C ASN B 141 3.98 -18.18 -3.52
N GLN B 142 5.01 -17.35 -3.73
CA GLN B 142 5.83 -17.39 -4.92
C GLN B 142 7.27 -17.67 -4.56
N TYR B 143 8.06 -17.99 -5.58
CA TYR B 143 9.50 -18.17 -5.46
C TYR B 143 10.23 -16.88 -5.82
N SER B 144 11.48 -16.81 -5.42
CA SER B 144 12.31 -15.65 -5.72
C SER B 144 12.44 -15.46 -7.23
N PRO B 145 12.45 -14.22 -7.71
CA PRO B 145 12.82 -14.00 -9.12
C PRO B 145 14.20 -14.55 -9.47
N CYS B 146 15.09 -14.64 -8.49
CA CYS B 146 16.46 -15.11 -8.69
C CYS B 146 16.61 -16.62 -8.61
N VAL B 147 15.54 -17.38 -8.37
CA VAL B 147 15.65 -18.83 -8.29
C VAL B 147 16.14 -19.42 -9.60
N SER B 148 15.96 -18.72 -10.72
CA SER B 148 16.40 -19.24 -12.00
C SER B 148 17.91 -19.17 -12.16
N ILE B 149 18.58 -18.26 -11.46
CA ILE B 149 20.02 -18.08 -11.55
C ILE B 149 20.76 -18.55 -10.29
N VAL B 150 20.04 -18.86 -9.22
CA VAL B 150 20.66 -19.36 -7.97
C VAL B 150 20.51 -20.86 -7.93
N PRO B 151 21.60 -21.61 -7.68
CA PRO B 151 21.49 -23.08 -7.61
C PRO B 151 20.86 -23.56 -6.31
N SER B 152 20.37 -24.80 -6.36
CA SER B 152 19.69 -25.39 -5.20
C SER B 152 20.59 -25.49 -3.97
N THR B 153 21.91 -25.42 -4.15
CA THR B 153 22.84 -25.33 -3.04
C THR B 153 23.87 -24.26 -3.39
N VAL B 154 24.10 -23.34 -2.48
CA VAL B 154 25.11 -22.32 -2.70
C VAL B 154 26.46 -22.96 -2.46
N TRP B 155 27.31 -22.96 -3.49
CA TRP B 155 28.60 -23.64 -3.41
C TRP B 155 29.46 -23.00 -2.32
N GLU B 156 29.62 -21.69 -2.39
CA GLU B 156 30.59 -20.97 -1.57
C GLU B 156 29.99 -19.64 -1.13
N ASP B 157 30.01 -19.39 0.18
CA ASP B 157 29.46 -18.17 0.74
C ASP B 157 30.02 -16.94 0.05
N GLY B 158 29.13 -16.11 -0.48
CA GLY B 158 29.53 -14.91 -1.18
C GLY B 158 29.45 -15.03 -2.69
N ASP B 159 29.05 -16.18 -3.22
CA ASP B 159 28.92 -16.36 -4.66
C ASP B 159 27.93 -15.37 -5.24
N TYR B 160 28.24 -14.87 -6.44
CA TYR B 160 27.38 -13.96 -7.17
C TYR B 160 26.85 -14.62 -8.43
N TYR B 161 25.66 -14.20 -8.85
CA TYR B 161 24.99 -14.74 -10.03
C TYR B 161 24.37 -13.59 -10.80
N ARG B 162 24.56 -13.57 -12.11
CA ARG B 162 24.00 -12.52 -12.94
C ARG B 162 23.39 -13.13 -14.19
N LYS B 163 22.35 -12.47 -14.68
CA LYS B 163 21.72 -12.80 -15.94
C LYS B 163 21.50 -11.52 -16.71
N GLN B 164 21.91 -11.51 -17.98
CA GLN B 164 21.56 -10.39 -18.83
C GLN B 164 20.10 -10.55 -19.21
N LEU B 165 19.33 -9.49 -19.05
CA LEU B 165 17.91 -9.54 -19.32
C LEU B 165 17.65 -9.03 -20.72
N SER B 166 16.85 -9.78 -21.48
CA SER B 166 16.37 -9.31 -22.75
C SER B 166 15.35 -8.19 -22.51
N PRO B 167 15.12 -7.33 -23.50
CA PRO B 167 14.20 -6.19 -23.27
C PRO B 167 12.75 -6.60 -22.99
N LEU B 168 12.34 -7.82 -23.31
CA LEU B 168 11.07 -8.33 -22.81
C LEU B 168 11.09 -8.40 -21.30
N GLU B 169 12.23 -8.77 -20.76
CA GLU B 169 12.41 -8.86 -19.33
C GLU B 169 12.62 -7.46 -18.77
N GLY B 170 12.61 -6.45 -19.66
CA GLY B 170 12.83 -5.06 -19.32
C GLY B 170 14.23 -4.59 -19.53
N GLY B 171 15.14 -5.48 -19.94
CA GLY B 171 16.52 -5.11 -20.13
C GLY B 171 17.26 -5.12 -18.82
N GLY B 172 18.53 -4.72 -18.89
CA GLY B 172 19.33 -4.62 -17.71
C GLY B 172 19.88 -5.96 -17.27
N TRP B 173 20.19 -6.02 -15.97
CA TRP B 173 20.81 -7.20 -15.39
C TRP B 173 20.08 -7.63 -14.13
N LEU B 174 19.93 -8.94 -13.98
CA LEU B 174 19.49 -9.54 -12.72
C LEU B 174 20.72 -9.98 -11.93
N VAL B 175 20.82 -9.52 -10.68
CA VAL B 175 21.99 -9.76 -9.83
C VAL B 175 21.53 -10.39 -8.52
N ALA B 176 22.17 -11.49 -8.14
CA ALA B 176 21.88 -12.18 -6.89
C ALA B 176 23.19 -12.57 -6.21
N SER B 177 23.13 -12.73 -4.89
CA SER B 177 24.25 -13.26 -4.12
C SER B 177 23.75 -14.32 -3.14
N GLY B 178 24.57 -15.34 -2.92
CA GLY B 178 24.22 -16.45 -2.05
C GLY B 178 25.09 -16.51 -0.80
N SER B 179 24.51 -17.01 0.28
CA SER B 179 25.21 -17.21 1.53
C SER B 179 24.94 -18.61 2.04
N THR B 180 25.81 -19.09 2.92
CA THR B 180 25.71 -20.43 3.48
C THR B 180 25.85 -20.39 5.00
N VAL B 181 25.23 -21.37 5.65
CA VAL B 181 25.35 -21.60 7.08
C VAL B 181 25.66 -23.08 7.27
N ALA B 182 26.60 -23.38 8.17
CA ALA B 182 27.05 -24.76 8.37
C ALA B 182 25.92 -25.65 8.84
N MET B 183 25.95 -26.91 8.38
CA MET B 183 24.95 -27.89 8.78
C MET B 183 25.04 -28.16 10.28
N THR B 184 23.88 -28.39 10.89
CA THR B 184 23.80 -28.67 12.31
C THR B 184 23.89 -30.18 12.58
N GLU B 185 24.09 -30.50 13.86
CA GLU B 185 24.10 -31.87 14.37
C GLU B 185 22.95 -32.67 13.79
N GLN B 186 21.74 -32.30 14.21
CA GLN B 186 20.51 -32.79 13.62
C GLN B 186 19.98 -31.71 12.69
N LEU B 187 19.46 -32.14 11.54
CA LEU B 187 18.93 -31.16 10.59
C LEU B 187 17.84 -30.33 11.25
N GLN B 188 17.77 -29.05 10.89
CA GLN B 188 16.71 -28.18 11.34
C GLN B 188 15.91 -27.71 10.15
N MET B 189 14.58 -27.64 10.31
CA MET B 189 13.68 -27.41 9.20
C MET B 189 12.59 -26.42 9.58
N GLY B 190 12.05 -25.80 8.54
CA GLY B 190 10.90 -24.91 8.66
C GLY B 190 9.72 -25.40 7.86
N PHE B 191 8.52 -25.19 8.43
CA PHE B 191 7.24 -25.54 7.82
C PHE B 191 6.35 -24.30 7.86
N GLY B 192 5.84 -23.89 6.69
CA GLY B 192 4.86 -22.83 6.61
C GLY B 192 3.49 -23.31 6.20
N ILE B 193 2.47 -23.05 7.03
CA ILE B 193 1.11 -23.46 6.75
C ILE B 193 0.30 -22.24 6.36
N THR B 194 -0.49 -22.37 5.30
CA THR B 194 -1.48 -21.38 4.94
C THR B 194 -2.80 -22.10 4.76
N VAL B 195 -3.84 -21.61 5.43
CA VAL B 195 -5.14 -22.25 5.32
C VAL B 195 -6.13 -21.28 4.68
N GLN B 196 -7.16 -21.86 4.07
CA GLN B 196 -8.26 -21.11 3.48
C GLN B 196 -9.58 -21.68 3.94
N TYR B 197 -10.56 -20.79 4.10
CA TYR B 197 -11.94 -21.13 4.41
C TYR B 197 -12.81 -20.71 3.24
N GLY B 198 -13.95 -21.39 3.08
CA GLY B 198 -14.94 -20.94 2.13
C GLY B 198 -16.34 -20.99 2.67
N THR B 199 -17.32 -21.19 1.78
CA THR B 199 -18.69 -21.31 2.24
C THR B 199 -19.09 -22.76 2.42
N ASP B 200 -19.04 -23.56 1.36
CA ASP B 200 -19.35 -24.99 1.43
C ASP B 200 -18.19 -25.85 0.97
N THR B 201 -16.99 -25.32 1.00
CA THR B 201 -15.84 -25.98 0.43
C THR B 201 -14.92 -26.48 1.52
N ASN B 202 -15.30 -26.26 2.78
CA ASN B 202 -14.47 -26.63 3.91
C ASN B 202 -14.36 -28.15 4.05
N SER B 203 -13.69 -28.79 3.10
CA SER B 203 -13.61 -30.23 3.07
C SER B 203 -12.33 -30.77 3.70
N VAL B 204 -11.34 -29.91 3.93
CA VAL B 204 -10.11 -30.29 4.62
C VAL B 204 -10.42 -30.31 6.11
N CYS B 205 -10.76 -31.50 6.64
CA CYS B 205 -11.16 -31.53 8.03
C CYS B 205 -10.24 -32.43 8.85
N PRO B 206 -10.08 -32.13 10.14
CA PRO B 206 -9.30 -33.03 11.01
C PRO B 206 -10.02 -34.36 11.15
N LYS B 207 -9.23 -35.43 11.26
CA LYS B 207 -9.80 -36.75 11.41
C LYS B 207 -10.28 -36.94 12.86
N LEU B 208 -11.39 -37.64 13.02
CA LEU B 208 -11.99 -37.84 14.34
C LEU B 208 -11.87 -39.31 14.79
N GLY C 1 6.94 6.16 -2.45
CA GLY C 1 6.40 6.57 -1.17
C GLY C 1 6.76 8.01 -0.83
N VAL C 2 6.07 8.56 0.17
CA VAL C 2 6.33 9.93 0.60
C VAL C 2 7.73 10.01 1.20
N GLN C 3 8.61 10.76 0.55
CA GLN C 3 9.98 10.95 1.00
C GLN C 3 10.24 12.43 1.26
N LEU C 4 10.94 12.72 2.35
CA LEU C 4 11.23 14.10 2.76
C LEU C 4 12.68 14.16 3.19
N VAL C 5 13.47 15.02 2.54
CA VAL C 5 14.88 15.17 2.87
C VAL C 5 15.20 16.63 3.12
N GLU C 6 15.77 16.91 4.30
CA GLU C 6 16.17 18.25 4.72
C GLU C 6 17.59 18.55 4.27
N SER C 7 17.83 19.81 3.89
CA SER C 7 19.14 20.25 3.44
C SER C 7 19.42 21.66 3.94
N GLY C 8 20.69 22.03 3.89
CA GLY C 8 21.16 23.35 4.27
C GLY C 8 21.74 23.47 5.66
N GLY C 9 21.86 22.38 6.41
CA GLY C 9 22.36 22.47 7.76
C GLY C 9 23.89 22.56 7.85
N GLY C 10 24.36 23.19 8.91
CA GLY C 10 25.78 23.36 9.12
C GLY C 10 26.04 24.44 10.16
N LEU C 11 27.28 24.93 10.16
CA LEU C 11 27.71 26.06 11.00
C LEU C 11 27.46 27.39 10.28
N VAL C 12 26.88 28.36 11.00
CA VAL C 12 26.34 29.64 10.47
C VAL C 12 26.28 30.73 11.52
N GLN C 13 27.09 31.78 11.35
CA GLN C 13 27.43 32.66 12.46
C GLN C 13 26.18 33.35 13.03
N PRO C 14 26.15 33.69 14.31
CA PRO C 14 24.90 34.17 14.87
C PRO C 14 24.64 35.57 14.35
N GLY C 15 23.37 35.88 14.15
CA GLY C 15 23.07 37.04 13.38
C GLY C 15 23.39 36.92 11.89
N ARG C 16 23.98 35.80 11.46
CA ARG C 16 24.08 35.51 10.04
C ARG C 16 22.74 34.93 9.62
N SER C 17 22.66 34.44 8.39
CA SER C 17 21.42 33.86 7.90
C SER C 17 21.71 32.51 7.29
N LEU C 18 20.73 31.63 7.38
CA LEU C 18 20.83 30.31 6.77
C LEU C 18 19.45 29.93 6.27
N ARG C 19 19.40 29.42 5.04
CA ARG C 19 18.15 29.03 4.42
C ARG C 19 18.15 27.51 4.27
N LEU C 20 17.10 26.89 4.75
CA LEU C 20 16.98 25.44 4.70
C LEU C 20 16.06 25.04 3.56
N SER C 21 16.35 23.88 3.00
CA SER C 21 15.61 23.36 1.85
C SER C 21 15.00 22.03 2.21
N CYS C 22 13.87 21.73 1.59
CA CYS C 22 13.15 20.49 1.86
C CYS C 22 12.68 19.90 0.54
N ALA C 23 13.29 18.80 0.14
CA ALA C 23 12.89 18.07 -1.05
C ALA C 23 11.85 17.01 -0.68
N ALA C 24 10.70 17.06 -1.33
CA ALA C 24 9.58 16.16 -1.09
C ALA C 24 9.30 15.33 -2.33
N SER C 25 8.79 14.12 -2.12
CA SER C 25 8.42 13.25 -3.24
C SER C 25 7.40 12.23 -2.76
N GLY C 26 6.75 11.58 -3.73
CA GLY C 26 5.78 10.54 -3.43
C GLY C 26 4.36 11.01 -3.22
N PHE C 27 4.07 12.29 -3.42
CA PHE C 27 2.73 12.83 -3.21
C PHE C 27 2.66 14.19 -3.90
N THR C 28 1.43 14.67 -4.06
CA THR C 28 1.20 15.97 -4.70
C THR C 28 1.57 17.08 -3.73
N PHE C 29 2.80 17.58 -3.87
CA PHE C 29 3.32 18.62 -2.98
C PHE C 29 2.39 19.82 -2.88
N SER C 30 1.94 20.34 -4.03
CA SER C 30 1.13 21.54 -4.03
C SER C 30 -0.15 21.40 -3.21
N ASN C 31 -0.57 20.18 -2.90
CA ASN C 31 -1.84 19.93 -2.24
C ASN C 31 -1.77 19.86 -0.73
N TYR C 32 -0.60 20.03 -0.12
CA TYR C 32 -0.44 19.89 1.32
C TYR C 32 0.19 21.15 1.90
N ALA C 33 -0.34 21.59 3.04
CA ALA C 33 0.34 22.63 3.80
C ALA C 33 1.51 22.02 4.55
N MET C 34 2.52 22.83 4.86
CA MET C 34 3.77 22.27 5.37
C MET C 34 4.23 22.98 6.64
N TYR C 35 5.13 22.30 7.35
CA TYR C 35 5.59 22.67 8.68
C TYR C 35 7.09 22.90 8.71
N TRP C 36 7.57 23.60 9.73
CA TRP C 36 8.98 23.58 10.10
C TRP C 36 9.09 23.40 11.61
N VAL C 37 9.87 22.41 12.05
CA VAL C 37 10.00 22.17 13.48
C VAL C 37 11.48 22.00 13.81
N ARG C 38 11.88 22.47 14.99
CA ARG C 38 13.28 22.34 15.42
C ARG C 38 13.36 21.69 16.79
N GLN C 39 14.51 21.07 17.07
CA GLN C 39 14.77 20.41 18.35
C GLN C 39 16.21 20.70 18.78
N ALA C 40 16.37 21.49 19.84
CA ALA C 40 17.69 21.78 20.36
C ALA C 40 18.30 20.51 20.96
N PRO C 41 19.64 20.43 21.02
CA PRO C 41 20.32 19.20 21.48
C PRO C 41 19.76 18.64 22.79
N GLY C 42 19.20 17.44 22.73
CA GLY C 42 18.64 16.80 23.90
C GLY C 42 17.39 17.44 24.46
N LYS C 43 16.77 18.35 23.73
CA LYS C 43 15.60 19.07 24.20
C LYS C 43 14.34 18.51 23.57
N GLY C 44 13.21 19.13 23.91
CA GLY C 44 11.93 18.78 23.32
C GLY C 44 11.70 19.52 22.01
N LEU C 45 10.57 19.20 21.37
CA LEU C 45 10.24 19.80 20.09
C LEU C 45 9.73 21.23 20.27
N GLU C 46 10.03 22.07 19.27
CA GLU C 46 9.56 23.46 19.24
C GLU C 46 9.17 23.81 17.81
N TRP C 47 7.94 24.27 17.64
CA TRP C 47 7.47 24.73 16.34
C TRP C 47 8.17 26.02 15.93
N VAL C 48 8.36 26.19 14.62
CA VAL C 48 8.99 27.38 14.08
C VAL C 48 8.01 28.17 13.22
N ALA C 49 7.63 27.62 12.06
CA ALA C 49 6.86 28.39 11.11
C ALA C 49 5.99 27.47 10.26
N LEU C 50 5.05 28.11 9.56
CA LEU C 50 4.03 27.45 8.77
C LEU C 50 3.76 28.19 7.47
N ILE C 51 3.63 27.40 6.40
CA ILE C 51 3.25 27.87 5.09
C ILE C 51 2.06 27.06 4.59
N SER C 52 1.05 27.75 4.11
CA SER C 52 0.01 27.10 3.34
C SER C 52 0.59 26.54 2.06
N TYR C 53 0.07 25.37 1.69
CA TYR C 53 0.27 24.68 0.43
C TYR C 53 0.74 25.57 -0.74
N ASP C 54 0.23 26.81 -0.82
CA ASP C 54 0.42 27.64 -2.00
C ASP C 54 1.41 28.77 -1.83
N ILE C 55 1.80 29.10 -0.58
CA ILE C 55 2.66 30.20 -0.12
C ILE C 55 1.78 31.26 0.53
N SER C 56 0.45 31.15 0.40
CA SER C 56 -0.46 32.20 0.87
C SER C 56 -0.21 32.61 2.32
N THR C 57 -0.96 32.04 3.25
CA THR C 57 -0.87 32.49 4.63
C THR C 57 0.27 31.77 5.32
N ASP C 58 1.01 32.50 6.14
CA ASP C 58 2.24 32.02 6.73
C ASP C 58 2.29 32.55 8.15
N TYR C 59 2.55 31.67 9.11
CA TYR C 59 2.51 32.04 10.51
C TYR C 59 3.79 31.58 11.20
N TYR C 60 4.09 32.21 12.32
CA TYR C 60 5.39 32.02 12.97
C TYR C 60 5.22 31.95 14.48
N ALA C 61 6.19 31.32 15.12
CA ALA C 61 6.32 31.37 16.56
C ALA C 61 7.08 32.62 16.96
N ASP C 62 6.68 33.21 18.08
CA ASP C 62 7.31 34.44 18.53
C ASP C 62 8.82 34.30 18.70
N SER C 63 9.31 33.07 18.85
CA SER C 63 10.74 32.86 18.94
C SER C 63 11.45 33.19 17.63
N VAL C 64 10.75 33.10 16.50
CA VAL C 64 11.32 33.34 15.19
C VAL C 64 10.60 34.45 14.45
N LYS C 65 9.57 35.04 15.03
CA LYS C 65 8.82 36.11 14.38
C LYS C 65 9.73 37.27 14.02
N GLY C 66 9.73 37.64 12.73
CA GLY C 66 10.50 38.75 12.23
C GLY C 66 11.86 38.35 11.70
N ARG C 67 12.42 37.26 12.22
CA ARG C 67 13.73 36.79 11.78
C ARG C 67 13.60 35.75 10.68
N PHE C 68 12.71 34.79 10.87
CA PHE C 68 12.59 33.68 9.95
C PHE C 68 11.47 33.97 8.96
N THR C 69 11.63 33.43 7.76
CA THR C 69 10.70 33.63 6.67
C THR C 69 10.48 32.29 5.99
N ILE C 70 9.24 31.87 5.88
CA ILE C 70 8.93 30.57 5.33
C ILE C 70 8.48 30.75 3.89
N SER C 71 8.95 29.87 3.01
CA SER C 71 8.60 29.95 1.60
C SER C 71 8.62 28.56 1.00
N ARG C 72 8.11 28.44 -0.23
CA ARG C 72 8.12 27.17 -0.94
C ARG C 72 7.99 27.43 -2.43
N ASP C 73 8.30 26.41 -3.22
CA ASP C 73 8.13 26.43 -4.67
C ASP C 73 7.34 25.18 -5.05
N ASN C 74 6.05 25.38 -5.34
CA ASN C 74 5.15 24.30 -5.75
C ASN C 74 5.44 23.81 -7.17
N SER C 75 6.30 24.49 -7.91
CA SER C 75 6.74 23.98 -9.20
C SER C 75 8.03 23.20 -9.08
N LYS C 76 8.78 23.42 -8.00
CA LYS C 76 9.97 22.67 -7.69
C LYS C 76 9.75 21.70 -6.54
N ASN C 77 8.53 21.67 -5.98
CA ASN C 77 8.19 20.84 -4.83
C ASN C 77 9.21 20.97 -3.70
N THR C 78 9.59 22.22 -3.41
CA THR C 78 10.64 22.46 -2.45
C THR C 78 10.18 23.41 -1.36
N ILE C 79 10.69 23.22 -0.15
CA ILE C 79 10.34 24.07 0.98
C ILE C 79 11.58 24.83 1.43
N TYR C 80 11.40 26.08 1.84
CA TYR C 80 12.50 26.92 2.26
C TYR C 80 12.22 27.54 3.62
N LEU C 81 13.26 27.62 4.43
CA LEU C 81 13.20 28.29 5.73
C LEU C 81 14.35 29.30 5.72
N GLN C 82 14.03 30.54 5.40
CA GLN C 82 15.02 31.61 5.36
C GLN C 82 15.15 32.15 6.77
N MET C 83 16.20 31.71 7.47
CA MET C 83 16.42 32.10 8.83
C MET C 83 17.39 33.28 8.83
N ASN C 84 17.00 34.35 9.51
CA ASN C 84 17.83 35.54 9.64
C ASN C 84 18.03 35.83 11.11
N ASN C 85 19.08 36.58 11.41
CA ASN C 85 19.41 36.99 12.78
C ASN C 85 19.51 35.76 13.68
N LEU C 86 20.09 34.68 13.14
CA LEU C 86 20.22 33.44 13.89
C LEU C 86 20.85 33.66 15.25
N ARG C 87 20.44 32.84 16.21
CA ARG C 87 20.88 32.97 17.59
C ARG C 87 21.38 31.61 18.08
N THR C 88 21.88 31.61 19.32
CA THR C 88 22.31 30.35 19.92
C THR C 88 21.13 29.45 20.24
N GLU C 89 19.99 30.04 20.55
CA GLU C 89 18.78 29.27 20.79
C GLU C 89 18.26 28.62 19.52
N ASP C 90 18.76 29.05 18.35
CA ASP C 90 18.39 28.44 17.09
C ASP C 90 19.21 27.20 16.78
N THR C 91 20.20 26.86 17.60
CA THR C 91 20.91 25.59 17.42
C THR C 91 19.96 24.45 17.64
N ALA C 92 19.74 23.67 16.59
CA ALA C 92 18.73 22.62 16.66
C ALA C 92 18.80 21.77 15.42
N LEU C 93 18.10 20.64 15.48
CA LEU C 93 17.81 19.81 14.32
C LEU C 93 16.53 20.33 13.70
N TYR C 94 16.58 20.72 12.44
CA TYR C 94 15.43 21.29 11.77
C TYR C 94 14.82 20.24 10.84
N TYR C 95 13.58 19.87 11.15
CA TYR C 95 12.82 18.86 10.45
C TYR C 95 11.78 19.56 9.57
N CYS C 96 11.62 19.02 8.35
CA CYS C 96 10.65 19.48 7.36
C CYS C 96 9.78 18.28 7.09
N ALA C 97 8.51 18.36 7.44
CA ALA C 97 7.71 17.14 7.49
C ALA C 97 6.22 17.39 7.62
N GLY C 98 5.54 17.64 6.50
CA GLY C 98 4.09 17.66 6.49
C GLY C 98 3.48 16.50 7.25
N ASN C 99 3.00 16.80 8.46
CA ASN C 99 2.35 15.86 9.37
C ASN C 99 1.58 14.75 8.66
N ASP C 100 1.90 13.50 9.04
CA ASP C 100 1.50 12.20 8.46
C ASP C 100 2.68 11.55 7.78
N TYR C 101 3.76 12.32 7.57
CA TYR C 101 4.99 11.83 6.99
C TYR C 101 6.11 12.74 7.46
N TRP C 102 7.27 12.13 7.76
CA TRP C 102 8.34 12.88 8.41
C TRP C 102 9.69 12.39 7.92
N GLY C 103 10.59 13.35 7.67
CA GLY C 103 11.93 13.07 7.18
C GLY C 103 12.96 13.30 8.27
N GLN C 104 14.17 12.82 7.99
CA GLN C 104 15.27 13.01 8.91
C GLN C 104 15.80 14.44 8.78
N GLY C 105 15.89 15.13 9.91
CA GLY C 105 16.16 16.55 9.93
C GLY C 105 17.57 16.90 9.49
N THR C 106 17.92 18.17 9.75
CA THR C 106 19.25 18.68 9.39
C THR C 106 19.80 19.54 10.51
N LEU C 107 21.05 19.27 10.89
CA LEU C 107 21.65 19.96 12.03
C LEU C 107 22.03 21.39 11.68
N VAL C 108 21.66 22.31 12.56
CA VAL C 108 22.02 23.72 12.45
C VAL C 108 22.66 24.09 13.78
N THR C 109 24.00 24.16 13.80
CA THR C 109 24.77 24.49 14.99
C THR C 109 25.34 25.90 14.86
N VAL C 110 24.82 26.83 15.69
CA VAL C 110 25.24 28.23 15.89
C VAL C 110 26.27 28.71 14.85
N SER C 111 27.26 29.48 15.28
CA SER C 111 28.27 30.08 14.45
C SER C 111 29.32 29.05 13.92
N SER C 112 30.20 28.48 14.75
CA SER C 112 30.35 28.84 16.17
C SER C 112 31.61 29.68 16.30
N ALA C 113 32.74 29.07 16.60
CA ALA C 113 33.94 29.84 16.91
C ALA C 113 35.08 28.87 16.64
N SER C 114 35.65 28.98 15.44
CA SER C 114 36.72 28.12 14.97
C SER C 114 36.20 26.71 14.76
N THR C 115 36.93 25.90 13.97
CA THR C 115 36.89 24.41 13.93
C THR C 115 36.43 23.85 12.56
N LYS C 116 36.71 22.58 12.17
CA LYS C 116 37.81 21.64 12.60
C LYS C 116 37.78 20.34 11.79
N GLY C 117 38.90 19.64 11.66
CA GLY C 117 38.88 18.22 11.42
C GLY C 117 38.98 17.45 12.73
N PRO C 118 38.23 16.37 12.90
CA PRO C 118 38.50 15.46 14.01
C PRO C 118 39.72 14.62 13.71
N SER C 119 40.45 14.26 14.76
CA SER C 119 41.51 13.27 14.63
C SER C 119 40.95 11.88 14.90
N VAL C 120 41.38 10.89 14.13
CA VAL C 120 40.79 9.56 14.20
C VAL C 120 41.92 8.57 14.48
N PHE C 121 42.08 8.18 15.73
CA PHE C 121 43.03 7.20 16.20
C PHE C 121 42.35 5.84 16.34
N PRO C 122 43.11 4.75 16.34
CA PRO C 122 42.48 3.43 16.45
C PRO C 122 42.42 2.88 17.87
N LEU C 123 41.38 2.09 18.13
CA LEU C 123 41.25 1.32 19.36
C LEU C 123 41.38 -0.15 18.96
N ALA C 124 42.63 -0.64 18.97
CA ALA C 124 43.05 -1.97 18.53
C ALA C 124 42.81 -3.01 19.62
N PRO C 125 42.50 -4.27 19.23
CA PRO C 125 42.23 -5.30 20.25
C PRO C 125 43.47 -5.77 20.99
N SER C 126 43.42 -6.95 21.58
CA SER C 126 44.51 -7.47 22.38
C SER C 126 44.83 -8.92 22.00
N SER C 127 46.10 -9.29 22.14
CA SER C 127 46.50 -10.66 21.88
C SER C 127 45.82 -11.64 22.83
N LYS C 128 45.51 -11.19 24.05
CA LYS C 128 44.82 -11.96 25.08
C LYS C 128 43.37 -12.32 24.72
N SER C 129 42.91 -12.00 23.51
CA SER C 129 41.57 -12.30 23.02
C SER C 129 41.19 -13.74 23.30
N THR C 130 40.15 -13.95 24.13
CA THR C 130 39.64 -15.25 24.53
C THR C 130 39.79 -16.30 23.43
N SER C 131 40.88 -17.08 23.49
CA SER C 131 41.21 -18.07 22.48
C SER C 131 40.01 -18.95 22.17
N GLY C 132 39.29 -18.61 21.11
CA GLY C 132 38.00 -19.19 20.83
C GLY C 132 36.91 -18.45 21.59
N GLY C 133 36.69 -17.20 21.24
CA GLY C 133 35.73 -16.39 21.96
C GLY C 133 35.56 -15.04 21.29
N THR C 134 34.84 -14.15 21.99
CA THR C 134 34.57 -12.82 21.45
C THR C 134 35.70 -11.85 21.78
N ALA C 135 35.98 -10.97 20.81
CA ALA C 135 36.89 -9.83 20.94
C ALA C 135 36.13 -8.59 20.53
N ALA C 136 36.78 -7.43 20.66
CA ALA C 136 36.14 -6.16 20.37
C ALA C 136 37.19 -5.16 19.89
N LEU C 137 36.80 -4.33 18.91
CA LEU C 137 37.70 -3.28 18.41
C LEU C 137 36.88 -2.04 18.09
N GLY C 138 37.56 -0.96 17.75
CA GLY C 138 36.84 0.26 17.46
C GLY C 138 37.75 1.40 17.04
N CYS C 139 37.14 2.56 16.80
CA CYS C 139 37.83 3.78 16.43
C CYS C 139 37.50 4.90 17.40
N LEU C 140 38.47 5.80 17.60
CA LEU C 140 38.36 6.95 18.50
C LEU C 140 38.52 8.24 17.72
N VAL C 141 37.46 9.07 17.73
CA VAL C 141 37.36 10.30 16.97
C VAL C 141 37.40 11.45 17.97
N LYS C 142 38.58 12.06 18.14
CA LYS C 142 38.86 13.02 19.20
C LYS C 142 38.99 14.44 18.68
N ASP C 143 38.74 15.38 19.59
CA ASP C 143 38.96 16.82 19.41
C ASP C 143 38.19 17.33 18.20
N TYR C 144 36.88 17.53 18.36
CA TYR C 144 36.13 18.04 17.21
C TYR C 144 34.93 18.89 17.61
N PHE C 145 34.79 20.05 16.98
CA PHE C 145 33.56 20.86 17.03
C PHE C 145 33.08 21.27 15.64
N PRO C 146 31.79 21.12 15.31
CA PRO C 146 30.57 20.69 16.00
C PRO C 146 30.26 19.24 15.77
N GLU C 147 29.13 18.82 16.31
CA GLU C 147 28.46 17.63 15.83
C GLU C 147 27.94 17.88 14.42
N PRO C 148 27.74 16.83 13.61
CA PRO C 148 27.90 15.41 13.92
C PRO C 148 29.18 14.80 13.36
N VAL C 149 29.46 13.58 13.79
CA VAL C 149 30.44 12.71 13.14
C VAL C 149 29.77 11.35 12.99
N THR C 150 29.88 10.76 11.80
CA THR C 150 29.26 9.47 11.50
C THR C 150 30.35 8.43 11.26
N VAL C 151 30.19 7.26 11.88
CA VAL C 151 31.15 6.18 11.77
C VAL C 151 30.42 4.93 11.31
N SER C 152 30.84 4.38 10.17
CA SER C 152 30.34 3.10 9.69
CA SER C 152 30.35 3.12 9.65
C SER C 152 31.46 2.08 9.71
N TRP C 153 31.12 0.82 9.41
CA TRP C 153 32.11 -0.25 9.40
C TRP C 153 32.01 -1.04 8.10
N ASN C 154 33.15 -1.22 7.44
CA ASN C 154 33.26 -1.97 6.19
C ASN C 154 32.29 -1.43 5.15
N SER C 155 32.26 -0.10 5.02
CA SER C 155 31.36 0.59 4.10
C SER C 155 29.90 0.19 4.34
N GLY C 156 29.56 -0.09 5.60
CA GLY C 156 28.23 -0.48 5.96
C GLY C 156 27.95 -1.96 5.97
N ALA C 157 28.90 -2.78 5.54
CA ALA C 157 28.68 -4.22 5.46
C ALA C 157 28.62 -4.89 6.82
N LEU C 158 29.12 -4.23 7.87
CA LEU C 158 29.14 -4.81 9.22
C LEU C 158 28.25 -3.98 10.14
N THR C 159 27.18 -4.58 10.63
CA THR C 159 26.27 -3.94 11.57
C THR C 159 26.11 -4.71 12.88
N SER C 160 26.26 -6.03 12.86
CA SER C 160 26.05 -6.83 14.05
C SER C 160 27.18 -6.60 15.04
N GLY C 161 26.82 -6.24 16.28
CA GLY C 161 27.79 -6.02 17.32
C GLY C 161 28.25 -4.58 17.47
N VAL C 162 27.81 -3.70 16.58
CA VAL C 162 28.29 -2.32 16.58
C VAL C 162 27.56 -1.50 17.62
N HIS C 163 28.32 -0.76 18.43
CA HIS C 163 27.78 0.28 19.30
C HIS C 163 28.46 1.60 18.93
N THR C 164 27.66 2.60 18.59
CA THR C 164 28.13 3.96 18.35
C THR C 164 27.63 4.85 19.47
N PHE C 165 28.58 5.38 20.27
CA PHE C 165 28.28 6.08 21.51
C PHE C 165 28.16 7.59 21.30
N PRO C 166 27.34 8.23 22.13
CA PRO C 166 27.20 9.70 22.05
C PRO C 166 28.54 10.41 22.21
N ALA C 167 28.74 11.44 21.38
CA ALA C 167 29.91 12.29 21.49
C ALA C 167 29.86 13.13 22.77
N VAL C 168 31.03 13.37 23.35
CA VAL C 168 31.15 14.15 24.57
C VAL C 168 31.85 15.45 24.25
N LEU C 169 31.54 16.49 25.03
CA LEU C 169 32.13 17.81 24.86
C LEU C 169 33.22 17.99 25.92
N GLN C 170 34.46 17.97 25.47
CA GLN C 170 35.60 18.05 26.38
C GLN C 170 35.72 19.46 26.95
N SER C 171 36.55 19.60 27.98
CA SER C 171 36.80 20.91 28.56
C SER C 171 37.43 21.87 27.55
N SER C 172 38.09 21.33 26.52
CA SER C 172 38.66 22.18 25.47
C SER C 172 37.56 22.87 24.67
N GLY C 173 36.35 22.32 24.66
CA GLY C 173 35.28 22.84 23.83
C GLY C 173 35.07 22.06 22.55
N LEU C 174 35.85 21.01 22.33
CA LEU C 174 35.73 20.13 21.19
C LEU C 174 35.06 18.83 21.63
N TYR C 175 34.47 18.13 20.66
CA TYR C 175 33.79 16.87 20.93
C TYR C 175 34.75 15.71 20.74
N SER C 176 34.33 14.55 21.26
CA SER C 176 35.04 13.30 21.06
C SER C 176 34.04 12.16 21.20
N LEU C 177 34.06 11.23 20.24
CA LEU C 177 33.21 10.04 20.28
C LEU C 177 34.02 8.85 19.76
N SER C 178 33.58 7.66 20.14
CA SER C 178 34.19 6.41 19.69
CA SER C 178 34.20 6.42 19.68
C SER C 178 33.11 5.47 19.20
N SER C 179 33.51 4.50 18.37
CA SER C 179 32.58 3.52 17.82
C SER C 179 33.22 2.15 17.84
N VAL C 180 32.49 1.14 18.33
CA VAL C 180 33.05 -0.17 18.60
C VAL C 180 32.21 -1.27 17.95
N VAL C 181 32.80 -2.46 17.89
CA VAL C 181 32.14 -3.65 17.33
C VAL C 181 32.75 -4.88 17.99
N THR C 182 31.88 -5.83 18.32
CA THR C 182 32.27 -7.13 18.83
C THR C 182 32.35 -8.13 17.69
N VAL C 183 33.44 -8.90 17.66
CA VAL C 183 33.69 -9.83 16.56
C VAL C 183 34.28 -11.11 17.14
N PRO C 184 34.08 -12.23 16.46
CA PRO C 184 34.80 -13.45 16.86
C PRO C 184 36.31 -13.23 16.79
N SER C 185 37.03 -14.03 17.58
CA SER C 185 38.47 -13.87 17.65
C SER C 185 39.21 -14.71 16.62
N SER C 186 38.61 -15.83 16.20
CA SER C 186 39.16 -16.59 15.08
C SER C 186 39.22 -15.75 13.81
N SER C 187 38.35 -14.75 13.69
CA SER C 187 38.27 -13.92 12.49
C SER C 187 39.11 -12.65 12.59
N LEU C 188 39.92 -12.52 13.65
CA LEU C 188 40.77 -11.34 13.79
C LEU C 188 41.87 -11.32 12.73
N GLY C 189 42.58 -12.43 12.57
CA GLY C 189 43.67 -12.52 11.61
C GLY C 189 43.27 -12.75 10.17
N THR C 190 41.97 -12.95 9.91
CA THR C 190 41.50 -13.32 8.58
C THR C 190 40.53 -12.34 7.95
N GLN C 191 40.04 -11.33 8.68
CA GLN C 191 39.06 -10.40 8.15
C GLN C 191 39.51 -8.97 8.37
N THR C 192 39.06 -8.09 7.48
CA THR C 192 39.43 -6.68 7.49
C THR C 192 38.29 -5.84 8.07
N TYR C 193 38.56 -5.12 9.15
CA TYR C 193 37.60 -4.22 9.78
C TYR C 193 38.07 -2.79 9.59
N ILE C 194 37.31 -1.98 8.86
CA ILE C 194 37.64 -0.60 8.55
C ILE C 194 36.49 0.31 8.96
N CYS C 195 36.80 1.35 9.73
CA CYS C 195 35.79 2.34 10.11
C CYS C 195 35.82 3.50 9.13
N ASN C 196 34.64 3.86 8.61
CA ASN C 196 34.48 4.98 7.69
C ASN C 196 33.90 6.13 8.50
N VAL C 197 34.77 7.06 8.88
CA VAL C 197 34.46 8.23 9.69
C VAL C 197 34.22 9.41 8.76
N ASN C 198 33.29 10.28 9.15
CA ASN C 198 32.83 11.37 8.30
C ASN C 198 32.39 12.54 9.18
N HIS C 199 32.96 13.71 8.92
CA HIS C 199 32.58 14.98 9.53
C HIS C 199 32.27 15.95 8.41
N LYS C 200 31.04 15.88 7.90
CA LYS C 200 30.58 16.80 6.88
C LYS C 200 30.75 18.28 7.21
N PRO C 201 30.47 18.77 8.43
CA PRO C 201 30.64 20.22 8.69
C PRO C 201 32.02 20.75 8.36
N SER C 202 33.04 19.90 8.28
CA SER C 202 34.34 20.30 7.78
C SER C 202 34.84 19.44 6.62
N ASN C 203 34.01 18.52 6.12
CA ASN C 203 34.37 17.67 4.97
C ASN C 203 35.53 16.72 5.27
N THR C 204 35.56 16.11 6.44
CA THR C 204 36.61 15.16 6.80
C THR C 204 36.13 13.73 6.56
N LYS C 205 36.73 13.03 5.60
CA LYS C 205 36.44 11.61 5.37
C LYS C 205 37.68 10.78 5.67
N VAL C 206 37.59 9.91 6.68
CA VAL C 206 38.71 9.07 7.09
C VAL C 206 38.24 7.63 7.12
N ASP C 207 38.85 6.78 6.29
CA ASP C 207 38.65 5.34 6.41
C ASP C 207 39.87 4.74 7.08
N LYS C 208 39.67 4.11 8.24
CA LYS C 208 40.75 3.69 9.12
C LYS C 208 40.70 2.18 9.34
N LYS C 209 41.80 1.52 9.03
CA LYS C 209 42.00 0.09 9.29
C LYS C 209 42.48 -0.14 10.71
N VAL C 210 41.77 -0.98 11.46
CA VAL C 210 42.11 -1.32 12.84
C VAL C 210 42.62 -2.75 12.88
N GLU C 211 43.84 -2.94 13.37
CA GLU C 211 44.49 -4.24 13.43
C GLU C 211 45.34 -4.32 14.70
N PRO C 212 45.61 -5.54 15.19
CA PRO C 212 46.44 -5.68 16.40
C PRO C 212 47.84 -5.14 16.21
N LYS C 213 48.41 -4.61 17.29
CA LYS C 213 49.75 -4.03 17.28
C LYS C 213 50.81 -5.13 17.19
N SER D 1 -2.63 28.96 25.44
CA SER D 1 -1.36 29.50 24.98
C SER D 1 -0.25 28.45 25.02
N VAL D 2 -0.33 27.55 25.99
CA VAL D 2 0.65 26.48 26.16
C VAL D 2 -0.07 25.17 26.35
N LEU D 3 0.61 24.08 25.99
CA LEU D 3 0.10 22.73 26.19
C LEU D 3 0.94 22.06 27.27
N THR D 4 0.27 21.64 28.34
CA THR D 4 0.94 21.08 29.52
C THR D 4 0.86 19.56 29.47
N GLN D 5 2.02 18.91 29.46
CA GLN D 5 2.13 17.47 29.49
C GLN D 5 2.92 17.06 30.72
N SER D 6 2.59 15.88 31.23
CA SER D 6 3.44 15.28 32.25
C SER D 6 4.77 14.87 31.60
N PRO D 7 5.90 15.13 32.24
CA PRO D 7 7.19 14.84 31.61
C PRO D 7 7.47 13.36 31.44
N SER D 8 6.86 12.51 32.25
CA SER D 8 7.19 11.09 32.20
C SER D 8 5.96 10.26 32.54
N ALA D 9 6.06 8.97 32.23
CA ALA D 9 5.05 7.99 32.59
C ALA D 9 5.71 6.62 32.55
N SER D 10 5.10 5.66 33.25
CA SER D 10 5.66 4.32 33.31
C SER D 10 4.55 3.28 33.40
N GLY D 11 4.93 2.04 33.13
CA GLY D 11 4.00 0.92 33.18
C GLY D 11 4.73 -0.36 32.86
N THR D 12 4.05 -1.46 33.12
CA THR D 12 4.61 -2.77 32.83
C THR D 12 4.11 -3.28 31.49
N PRO D 13 4.82 -4.23 30.88
CA PRO D 13 4.29 -4.89 29.68
C PRO D 13 2.93 -5.50 29.95
N GLY D 14 1.97 -5.20 29.06
CA GLY D 14 0.60 -5.62 29.25
C GLY D 14 -0.26 -4.60 29.97
N GLN D 15 0.35 -3.66 30.69
CA GLN D 15 -0.40 -2.66 31.43
C GLN D 15 -1.01 -1.65 30.47
N ARG D 16 -1.87 -0.79 31.02
CA ARG D 16 -2.47 0.31 30.27
C ARG D 16 -2.09 1.62 30.93
N VAL D 17 -1.68 2.60 30.11
CA VAL D 17 -1.26 3.90 30.62
C VAL D 17 -2.05 4.98 29.88
N THR D 18 -2.23 6.12 30.56
CA THR D 18 -2.97 7.26 29.99
C THR D 18 -2.12 8.51 30.16
N ILE D 19 -1.67 9.09 29.05
CA ILE D 19 -0.89 10.32 29.06
C ILE D 19 -1.81 11.50 28.82
N SER D 20 -1.73 12.50 29.69
CA SER D 20 -2.61 13.66 29.63
C SER D 20 -1.93 14.83 28.93
N CYS D 21 -2.76 15.70 28.37
CA CYS D 21 -2.31 16.91 27.70
C CYS D 21 -3.36 18.00 27.96
N SER D 22 -3.05 18.91 28.88
CA SER D 22 -3.96 20.00 29.23
C SER D 22 -3.59 21.27 28.48
N GLY D 23 -4.60 22.07 28.16
CA GLY D 23 -4.41 23.32 27.46
C GLY D 23 -5.49 24.33 27.81
N SER D 24 -5.87 25.14 26.83
CA SER D 24 -6.87 26.19 27.03
C SER D 24 -8.00 26.06 26.02
N SER D 25 -8.69 27.16 25.73
CA SER D 25 -9.74 27.16 24.72
C SER D 25 -9.24 27.61 23.35
N SER D 26 -8.26 28.51 23.30
CA SER D 26 -7.72 28.95 22.02
C SER D 26 -6.90 27.86 21.36
N ASN D 27 -6.41 26.90 22.14
CA ASN D 27 -5.64 25.78 21.58
C ASN D 27 -6.49 24.51 21.52
N ILE D 28 -6.82 23.94 22.67
CA ILE D 28 -7.64 22.74 22.72
C ILE D 28 -9.11 23.14 22.75
N GLY D 29 -9.97 22.23 22.31
CA GLY D 29 -11.40 22.46 22.35
C GLY D 29 -11.97 22.85 21.00
N ASN D 30 -11.40 23.88 20.40
CA ASN D 30 -11.83 24.33 19.08
C ASN D 30 -11.00 23.74 17.95
N ASN D 31 -9.75 23.37 18.23
CA ASN D 31 -8.89 22.71 17.26
C ASN D 31 -8.56 21.31 17.73
N TYR D 32 -8.35 20.41 16.79
CA TYR D 32 -8.06 19.01 17.11
C TYR D 32 -6.69 18.87 17.77
N VAL D 33 -6.49 17.75 18.44
CA VAL D 33 -5.26 17.45 19.15
C VAL D 33 -4.53 16.32 18.42
N TYR D 34 -3.20 16.36 18.43
CA TYR D 34 -2.41 15.40 17.66
C TYR D 34 -1.35 14.73 18.52
N TRP D 35 -1.06 13.46 18.21
CA TRP D 35 -0.15 12.66 19.04
C TRP D 35 0.97 12.03 18.22
N TYR D 36 2.20 12.18 18.71
CA TYR D 36 3.42 11.71 18.04
C TYR D 36 4.36 11.01 19.01
N GLN D 37 5.10 10.02 18.48
CA GLN D 37 6.08 9.21 19.20
C GLN D 37 7.48 9.45 18.66
N GLN D 38 8.47 9.61 19.56
CA GLN D 38 9.89 9.70 19.22
C GLN D 38 10.66 8.61 19.95
N LEU D 39 11.17 7.63 19.19
CA LEU D 39 12.09 6.63 19.70
C LEU D 39 13.51 7.18 19.75
N PRO D 40 14.39 6.62 20.60
CA PRO D 40 15.75 7.13 20.71
C PRO D 40 16.50 7.20 19.38
N GLY D 41 16.95 8.39 19.03
CA GLY D 41 17.76 8.57 17.84
C GLY D 41 17.02 8.51 16.52
N THR D 42 15.72 8.77 16.51
CA THR D 42 14.94 8.70 15.28
C THR D 42 14.04 9.91 15.15
N ALA D 43 13.58 10.13 13.93
CA ALA D 43 12.67 11.23 13.64
C ALA D 43 11.26 10.93 14.15
N PRO D 44 10.47 11.97 14.43
CA PRO D 44 9.10 11.75 14.91
C PRO D 44 8.20 11.12 13.86
N LYS D 45 7.22 10.36 14.34
CA LYS D 45 6.27 9.64 13.49
C LYS D 45 4.84 9.91 13.95
N LEU D 46 3.94 10.09 12.99
CA LEU D 46 2.53 10.33 13.32
C LEU D 46 1.92 9.11 14.00
N LEU D 47 1.25 9.35 15.13
CA LEU D 47 0.53 8.32 15.85
C LEU D 47 -0.98 8.52 15.76
N ILE D 48 -1.49 9.69 16.18
CA ILE D 48 -2.93 9.93 16.18
C ILE D 48 -3.20 11.27 15.51
N TYR D 49 -4.10 11.24 14.51
CA TYR D 49 -4.53 12.40 13.76
C TYR D 49 -6.03 12.64 13.96
N TRP D 50 -6.40 13.92 13.97
CA TRP D 50 -7.79 14.35 14.14
C TRP D 50 -8.41 13.76 15.41
N ASN D 51 -7.81 14.14 16.53
CA ASN D 51 -8.22 13.70 17.87
C ASN D 51 -8.12 12.19 18.06
N ASP D 52 -8.76 11.41 17.18
CA ASP D 52 -8.96 9.99 17.50
C ASP D 52 -8.74 9.06 16.31
N GLN D 53 -8.11 9.51 15.22
CA GLN D 53 -7.93 8.67 14.05
C GLN D 53 -6.49 8.17 13.95
N ARG D 54 -6.33 6.89 13.67
CA ARG D 54 -5.05 6.25 13.43
C ARG D 54 -4.77 6.20 11.93
N PRO D 55 -3.64 6.72 11.45
CA PRO D 55 -3.28 6.55 10.05
C PRO D 55 -2.97 5.08 9.77
N SER D 56 -2.82 4.78 8.49
CA SER D 56 -2.49 3.42 8.08
C SER D 56 -1.20 2.97 8.74
N GLY D 57 -1.25 1.80 9.37
CA GLY D 57 -0.10 1.22 10.03
C GLY D 57 -0.08 1.38 11.54
N VAL D 58 -0.78 2.38 12.08
CA VAL D 58 -0.78 2.60 13.53
C VAL D 58 -1.65 1.54 14.21
N PRO D 59 -1.08 0.74 15.11
CA PRO D 59 -1.86 -0.33 15.74
C PRO D 59 -3.01 0.20 16.59
N ASP D 60 -4.10 -0.57 16.60
CA ASP D 60 -5.29 -0.22 17.36
C ASP D 60 -5.03 -0.05 18.86
N ARG D 61 -3.88 -0.55 19.35
CA ARG D 61 -3.55 -0.40 20.76
C ARG D 61 -3.50 1.06 21.20
N PHE D 62 -3.18 1.97 20.28
CA PHE D 62 -3.08 3.38 20.61
C PHE D 62 -4.43 4.06 20.36
N SER D 63 -4.90 4.85 21.33
CA SER D 63 -6.18 5.50 21.21
C SER D 63 -6.11 6.90 21.80
N GLY D 64 -6.87 7.81 21.21
CA GLY D 64 -6.93 9.19 21.66
C GLY D 64 -8.30 9.53 22.22
N SER D 65 -8.31 10.43 23.20
CA SER D 65 -9.52 11.01 23.75
C SER D 65 -9.40 12.52 23.78
N LYS D 66 -10.54 13.21 23.73
CA LYS D 66 -10.56 14.66 23.67
C LYS D 66 -11.75 15.17 24.46
N SER D 67 -11.48 16.06 25.41
CA SER D 67 -12.50 16.80 26.14
C SER D 67 -12.36 18.28 25.79
N GLY D 68 -13.02 19.13 26.57
CA GLY D 68 -12.98 20.55 26.30
C GLY D 68 -11.62 21.17 26.52
N THR D 69 -11.13 21.08 27.75
CA THR D 69 -9.86 21.70 28.11
C THR D 69 -8.66 20.77 27.96
N SER D 70 -8.88 19.47 27.83
CA SER D 70 -7.79 18.50 27.90
C SER D 70 -7.94 17.47 26.79
N ALA D 71 -6.90 16.65 26.68
CA ALA D 71 -6.87 15.52 25.75
C ALA D 71 -6.03 14.43 26.39
N SER D 72 -6.14 13.22 25.85
CA SER D 72 -5.46 12.07 26.45
C SER D 72 -5.08 11.06 25.39
N LEU D 73 -4.03 10.29 25.67
CA LEU D 73 -3.59 9.18 24.83
C LEU D 73 -3.52 7.93 25.70
N ALA D 74 -4.37 6.96 25.40
CA ALA D 74 -4.40 5.69 26.12
C ALA D 74 -3.63 4.65 25.32
N ILE D 75 -2.76 3.93 26.03
CA ILE D 75 -1.93 2.87 25.48
C ILE D 75 -2.26 1.60 26.23
N SER D 76 -2.94 0.68 25.55
CA SER D 76 -3.20 -0.64 26.08
C SER D 76 -2.11 -1.62 25.65
N GLY D 77 -2.03 -2.73 26.38
CA GLY D 77 -1.04 -3.77 26.12
C GLY D 77 0.37 -3.25 25.91
N LEU D 78 0.85 -2.47 26.87
CA LEU D 78 2.17 -1.84 26.80
C LEU D 78 3.25 -2.84 26.42
N ARG D 79 4.19 -2.38 25.59
CA ARG D 79 5.36 -3.16 25.19
C ARG D 79 6.63 -2.34 25.38
N SER D 80 7.77 -3.04 25.44
CA SER D 80 9.05 -2.39 25.65
C SER D 80 9.43 -1.47 24.49
N GLU D 81 8.98 -1.79 23.28
CA GLU D 81 9.29 -0.93 22.13
C GLU D 81 8.58 0.41 22.22
N ASP D 82 7.60 0.54 23.11
CA ASP D 82 6.90 1.80 23.32
C ASP D 82 7.69 2.79 24.17
N GLU D 83 8.83 2.39 24.75
CA GLU D 83 9.65 3.29 25.55
C GLU D 83 10.18 4.42 24.68
N ALA D 84 9.63 5.62 24.84
CA ALA D 84 9.93 6.72 23.92
C ALA D 84 9.36 8.00 24.51
N ASP D 85 9.47 9.10 23.77
CA ASP D 85 8.88 10.36 24.19
C ASP D 85 7.62 10.62 23.39
N TYR D 86 6.57 11.12 24.05
CA TYR D 86 5.28 11.31 23.43
C TYR D 86 4.86 12.78 23.52
N TYR D 87 4.48 13.35 22.38
CA TYR D 87 4.15 14.78 22.29
C TYR D 87 2.75 14.99 21.73
N CYS D 88 2.05 15.97 22.30
CA CYS D 88 0.74 16.42 21.84
C CYS D 88 0.86 17.81 21.21
N ALA D 89 -0.02 18.10 20.26
CA ALA D 89 0.04 19.34 19.50
C ALA D 89 -1.34 19.96 19.30
N ALA D 90 -1.39 21.29 19.34
CA ALA D 90 -2.61 22.08 19.15
C ALA D 90 -2.28 23.46 18.58
N TRP D 91 -3.32 24.10 18.03
CA TRP D 91 -3.21 25.38 17.33
C TRP D 91 -3.69 26.54 18.19
N ASP D 92 -2.96 27.64 18.11
CA ASP D 92 -3.39 28.90 18.70
C ASP D 92 -3.86 29.78 17.56
N ASP D 93 -5.18 29.82 17.37
CA ASP D 93 -5.77 30.71 16.37
C ASP D 93 -5.43 32.15 16.67
N SER D 94 -5.34 32.50 17.95
CA SER D 94 -5.04 33.87 18.33
C SER D 94 -3.58 34.19 18.10
N LEU D 95 -2.68 33.30 18.53
CA LEU D 95 -1.26 33.51 18.25
C LEU D 95 -0.92 33.11 16.83
N SER D 96 -1.84 32.46 16.12
CA SER D 96 -1.60 32.01 14.76
C SER D 96 -0.37 31.12 14.72
N GLY D 97 -0.42 30.04 15.51
CA GLY D 97 0.76 29.20 15.58
C GLY D 97 0.51 27.84 16.17
N ALA D 98 1.37 26.90 15.80
CA ALA D 98 1.39 25.62 16.47
C ALA D 98 2.07 25.74 17.82
N VAL D 99 1.59 24.98 18.80
CA VAL D 99 2.23 24.88 20.11
C VAL D 99 2.38 23.42 20.47
N PHE D 100 3.56 23.05 20.95
CA PHE D 100 3.86 21.68 21.33
C PHE D 100 3.80 21.52 22.85
N GLY D 101 3.47 20.31 23.29
CA GLY D 101 3.57 19.98 24.69
C GLY D 101 5.00 19.67 25.09
N GLY D 102 5.22 19.63 26.41
CA GLY D 102 6.55 19.36 26.93
C GLY D 102 7.02 17.94 26.72
N GLY D 103 6.13 17.03 26.33
CA GLY D 103 6.52 15.66 26.10
C GLY D 103 6.49 14.80 27.35
N THR D 104 6.11 13.55 27.17
CA THR D 104 6.02 12.57 28.24
C THR D 104 6.97 11.43 27.90
N GLN D 105 8.03 11.28 28.68
CA GLN D 105 8.98 10.20 28.48
C GLN D 105 8.44 8.94 29.13
N LEU D 106 7.94 8.03 28.31
CA LEU D 106 7.39 6.77 28.78
C LEU D 106 8.49 5.72 28.80
N THR D 107 8.78 5.20 29.99
CA THR D 107 9.72 4.12 30.20
C THR D 107 8.94 2.83 30.41
N VAL D 108 9.28 1.79 29.65
CA VAL D 108 8.64 0.49 29.76
C VAL D 108 9.63 -0.46 30.45
N LEU D 109 9.24 -0.93 31.63
CA LEU D 109 10.09 -1.78 32.45
C LEU D 109 10.01 -3.24 32.02
N ALA D 115 24.19 -8.28 33.53
CA ALA D 115 25.54 -7.84 33.85
C ALA D 115 26.18 -7.14 32.66
N PRO D 116 26.92 -6.06 32.93
CA PRO D 116 27.53 -5.29 31.84
C PRO D 116 28.76 -5.97 31.24
N SER D 117 28.87 -5.87 29.91
CA SER D 117 30.05 -6.30 29.17
C SER D 117 31.01 -5.13 29.00
N VAL D 118 32.28 -5.35 29.32
CA VAL D 118 33.28 -4.29 29.43
C VAL D 118 34.47 -4.60 28.52
N THR D 119 34.87 -3.62 27.70
CA THR D 119 36.09 -3.69 26.90
C THR D 119 36.89 -2.39 27.08
N LEU D 120 38.18 -2.53 27.38
CA LEU D 120 39.04 -1.38 27.68
C LEU D 120 40.18 -1.27 26.67
N PHE D 121 40.35 -0.05 26.10
CA PHE D 121 41.40 0.30 25.15
C PHE D 121 42.36 1.35 25.72
N PRO D 122 43.66 1.14 25.53
CA PRO D 122 44.67 2.13 25.95
C PRO D 122 44.83 3.20 24.89
N PRO D 123 45.60 4.26 25.17
CA PRO D 123 45.87 5.26 24.12
C PRO D 123 46.70 4.64 23.00
N SER D 124 46.31 4.94 21.77
CA SER D 124 47.03 4.40 20.63
C SER D 124 48.40 5.07 20.51
N SER D 125 49.32 4.36 19.87
CA SER D 125 50.63 4.93 19.59
C SER D 125 50.50 6.15 18.69
N GLU D 126 49.50 6.17 17.81
CA GLU D 126 49.22 7.36 17.01
C GLU D 126 48.87 8.54 17.90
N GLU D 127 47.99 8.32 18.88
CA GLU D 127 47.60 9.41 19.77
C GLU D 127 48.76 9.85 20.65
N LEU D 128 49.58 8.89 21.11
CA LEU D 128 50.81 9.25 21.81
C LEU D 128 51.71 10.10 20.93
N GLN D 129 51.73 9.82 19.63
CA GLN D 129 52.49 10.66 18.70
C GLN D 129 51.85 12.02 18.53
N ALA D 130 50.55 12.13 18.76
CA ALA D 130 49.86 13.42 18.80
C ALA D 130 49.86 14.03 20.18
N ASN D 131 50.67 13.50 21.09
CA ASN D 131 50.85 14.01 22.46
C ASN D 131 49.53 14.11 23.20
N LYS D 132 48.70 13.07 23.07
CA LYS D 132 47.48 12.93 23.85
C LYS D 132 47.34 11.46 24.22
N ALA D 133 46.71 11.19 25.36
CA ALA D 133 46.57 9.82 25.84
C ALA D 133 45.15 9.65 26.36
N THR D 134 44.35 8.84 25.68
CA THR D 134 42.95 8.68 26.04
C THR D 134 42.70 7.20 26.34
N LEU D 135 42.13 6.94 27.52
CA LEU D 135 41.71 5.60 27.89
C LEU D 135 40.21 5.45 27.65
N VAL D 136 39.83 4.37 26.97
CA VAL D 136 38.46 4.18 26.50
C VAL D 136 37.88 2.94 27.17
N CYS D 137 36.80 3.13 27.94
CA CYS D 137 36.14 2.04 28.69
C CYS D 137 34.71 1.90 28.17
N LEU D 138 34.40 0.74 27.60
CA LEU D 138 33.14 0.48 26.88
C LEU D 138 32.26 -0.53 27.62
N ILE D 139 31.03 -0.11 27.91
CA ILE D 139 30.03 -0.90 28.63
C ILE D 139 28.83 -1.11 27.71
N SER D 140 28.38 -2.37 27.58
CA SER D 140 27.20 -2.66 26.78
C SER D 140 26.39 -3.80 27.40
N ASP D 141 25.14 -3.92 26.94
CA ASP D 141 24.28 -5.07 27.24
C ASP D 141 23.99 -5.24 28.73
N PHE D 142 23.84 -4.13 29.46
CA PHE D 142 23.50 -4.21 30.88
C PHE D 142 22.08 -3.74 31.14
N TYR D 143 21.46 -4.33 32.16
CA TYR D 143 20.13 -3.95 32.62
C TYR D 143 20.01 -4.20 34.12
N PRO D 144 19.40 -3.26 34.86
CA PRO D 144 18.77 -2.01 34.41
C PRO D 144 19.78 -0.97 33.94
N GLY D 145 19.29 0.10 33.32
CA GLY D 145 20.16 1.12 32.78
C GLY D 145 20.76 1.99 33.87
N ALA D 146 21.60 1.41 34.72
CA ALA D 146 22.23 2.17 35.80
C ALA D 146 23.55 1.52 36.18
N VAL D 147 24.64 2.28 36.07
CA VAL D 147 25.96 1.82 36.46
C VAL D 147 26.71 2.99 37.10
N THR D 148 27.75 2.67 37.87
CA THR D 148 28.63 3.66 38.49
C THR D 148 30.08 3.28 38.20
N VAL D 149 30.86 4.23 37.68
CA VAL D 149 32.20 3.95 37.18
C VAL D 149 33.24 4.72 37.98
N ALA D 150 34.38 4.08 38.23
CA ALA D 150 35.51 4.70 38.92
C ALA D 150 36.81 4.34 38.24
N TRP D 151 37.70 5.33 38.10
CA TRP D 151 38.99 5.17 37.45
C TRP D 151 40.14 5.09 38.44
N LYS D 152 41.21 4.38 38.06
CA LYS D 152 42.39 4.18 38.89
C LYS D 152 43.68 4.39 38.11
N ALA D 153 44.61 5.13 38.72
CA ALA D 153 45.99 5.23 38.27
C ALA D 153 46.84 4.39 39.21
N ASP D 154 47.47 3.34 38.66
CA ASP D 154 48.08 2.30 39.48
C ASP D 154 47.02 1.70 40.39
N SER D 155 46.96 2.16 41.64
CA SER D 155 45.96 1.71 42.60
C SER D 155 45.14 2.84 43.22
N SER D 156 45.33 4.10 42.79
CA SER D 156 44.68 5.26 43.40
C SER D 156 43.55 5.80 42.53
N PRO D 157 42.47 6.33 43.10
CA PRO D 157 41.38 6.85 42.26
C PRO D 157 41.81 8.06 41.45
N VAL D 158 41.10 8.29 40.34
CA VAL D 158 41.30 9.44 39.45
C VAL D 158 39.95 10.08 39.20
N LYS D 159 39.83 11.38 39.49
CA LYS D 159 38.63 12.13 39.12
C LYS D 159 38.90 13.21 38.08
N ALA D 160 40.10 13.79 38.07
CA ALA D 160 40.52 14.71 37.01
C ALA D 160 40.45 14.04 35.65
N GLY D 161 39.83 14.71 34.68
CA GLY D 161 39.85 14.23 33.31
C GLY D 161 38.96 13.04 33.02
N VAL D 162 38.01 12.75 33.91
CA VAL D 162 37.07 11.64 33.74
C VAL D 162 35.79 12.20 33.14
N GLU D 163 35.34 11.60 32.04
CA GLU D 163 34.10 12.03 31.39
C GLU D 163 33.29 10.79 31.04
N THR D 164 32.05 10.71 31.55
CA THR D 164 31.20 9.54 31.40
C THR D 164 29.86 9.92 30.78
N THR D 165 29.37 9.08 29.86
CA THR D 165 28.08 9.25 29.20
C THR D 165 26.95 8.63 30.03
N THR D 166 25.71 9.02 29.67
CA THR D 166 24.50 8.44 30.22
C THR D 166 24.17 7.10 29.54
N PRO D 167 23.53 6.17 30.25
CA PRO D 167 23.13 4.91 29.59
C PRO D 167 22.07 5.16 28.53
N SER D 168 22.19 4.43 27.43
CA SER D 168 21.29 4.57 26.29
C SER D 168 20.75 3.21 25.93
N LYS D 169 19.45 3.14 25.69
CA LYS D 169 18.83 1.86 25.34
C LYS D 169 19.34 1.44 23.97
N GLN D 170 20.00 0.29 23.91
CA GLN D 170 20.53 -0.22 22.67
C GLN D 170 19.39 -0.72 21.79
N SER D 171 19.74 -1.28 20.63
CA SER D 171 18.73 -1.90 19.77
C SER D 171 18.08 -3.09 20.48
N ASN D 172 18.86 -3.83 21.28
CA ASN D 172 18.39 -5.00 22.02
C ASN D 172 17.71 -4.63 23.35
N ASN D 173 17.35 -3.36 23.52
CA ASN D 173 16.67 -2.86 24.72
C ASN D 173 17.52 -2.97 25.98
N LYS D 174 18.75 -3.48 25.84
CA LYS D 174 19.73 -3.35 26.91
C LYS D 174 20.40 -1.99 26.78
N TYR D 175 21.30 -1.66 27.71
CA TYR D 175 21.85 -0.32 27.75
C TYR D 175 23.33 -0.32 27.44
N ALA D 176 23.78 0.78 26.87
CA ALA D 176 25.19 1.02 26.56
C ALA D 176 25.64 2.32 27.19
N ALA D 177 26.91 2.36 27.59
CA ALA D 177 27.52 3.54 28.17
C ALA D 177 29.03 3.47 27.95
N SER D 178 29.67 4.64 27.90
CA SER D 178 31.10 4.75 27.63
C SER D 178 31.73 5.77 28.57
N SER D 179 33.01 5.54 28.91
CA SER D 179 33.76 6.41 29.81
C SER D 179 35.14 6.68 29.23
N TYR D 180 35.62 7.91 29.38
CA TYR D 180 36.92 8.34 28.88
C TYR D 180 37.76 8.91 30.01
N LEU D 181 39.04 8.55 30.02
CA LEU D 181 40.02 9.16 30.90
C LEU D 181 41.03 9.92 30.06
N SER D 182 41.09 11.23 30.26
CA SER D 182 42.01 12.10 29.56
C SER D 182 43.32 12.18 30.35
N LEU D 183 44.41 11.76 29.71
CA LEU D 183 45.74 11.75 30.28
C LEU D 183 46.74 12.34 29.30
N THR D 184 47.86 12.83 29.86
CA THR D 184 49.02 13.17 29.07
C THR D 184 49.83 11.90 28.80
N PRO D 185 50.58 11.85 27.70
CA PRO D 185 51.45 10.67 27.47
C PRO D 185 52.40 10.42 28.61
N GLU D 186 52.81 11.47 29.32
CA GLU D 186 53.69 11.33 30.47
C GLU D 186 52.99 10.59 31.60
N GLN D 187 51.75 10.97 31.91
CA GLN D 187 51.00 10.25 32.93
C GLN D 187 50.78 8.80 32.52
N TRP D 188 50.51 8.57 31.22
CA TRP D 188 50.31 7.22 30.73
C TRP D 188 51.53 6.35 30.93
N LYS D 189 52.69 6.81 30.46
CA LYS D 189 53.90 5.98 30.52
C LYS D 189 54.45 5.87 31.94
N SER D 190 54.31 6.91 32.76
CA SER D 190 55.00 6.96 34.03
C SER D 190 54.39 6.06 35.10
N HIS D 191 53.13 5.64 34.92
CA HIS D 191 52.48 4.78 35.88
C HIS D 191 52.58 3.32 35.45
N ARG D 192 52.57 2.43 36.45
CA ARG D 192 52.61 1.00 36.16
C ARG D 192 51.38 0.55 35.39
N SER D 193 50.21 1.08 35.74
CA SER D 193 48.97 0.63 35.12
C SER D 193 47.86 1.65 35.39
N TYR D 194 46.75 1.47 34.65
CA TYR D 194 45.52 2.23 34.81
C TYR D 194 44.36 1.25 34.74
N SER D 195 43.31 1.49 35.53
CA SER D 195 42.20 0.55 35.69
C SER D 195 40.85 1.24 35.55
N CYS D 196 39.90 0.55 34.92
CA CYS D 196 38.50 0.97 34.84
C CYS D 196 37.63 0.02 35.64
N GLN D 197 36.80 0.58 36.53
CA GLN D 197 35.95 -0.16 37.45
C GLN D 197 34.48 0.17 37.21
N VAL D 198 33.69 -0.85 36.86
CA VAL D 198 32.25 -0.71 36.62
C VAL D 198 31.48 -1.44 37.72
N THR D 199 30.61 -0.70 38.42
CA THR D 199 29.69 -1.25 39.39
C THR D 199 28.28 -1.21 38.83
N HIS D 200 27.58 -2.35 38.89
CA HIS D 200 26.24 -2.49 38.34
C HIS D 200 25.52 -3.50 39.21
N GLU D 201 24.37 -3.10 39.75
CA GLU D 201 23.62 -3.94 40.69
C GLU D 201 24.51 -4.32 41.87
N GLY D 202 25.43 -3.42 42.23
CA GLY D 202 26.36 -3.64 43.31
C GLY D 202 27.53 -4.54 42.98
N SER D 203 27.54 -5.19 41.83
CA SER D 203 28.61 -6.09 41.43
C SER D 203 29.61 -5.35 40.56
N THR D 204 30.88 -5.72 40.66
CA THR D 204 31.97 -4.93 40.11
C THR D 204 32.80 -5.75 39.12
N VAL D 205 33.10 -5.14 37.96
CA VAL D 205 33.97 -5.71 36.93
C VAL D 205 35.04 -4.67 36.60
N GLU D 206 36.31 -5.09 36.62
CA GLU D 206 37.46 -4.21 36.42
C GLU D 206 38.39 -4.72 35.33
N LYS D 207 38.89 -3.80 34.51
CA LYS D 207 39.91 -4.10 33.50
C LYS D 207 41.12 -3.17 33.69
N THR D 208 42.32 -3.70 33.41
CA THR D 208 43.57 -2.96 33.63
C THR D 208 44.45 -2.98 32.39
N VAL D 209 45.17 -1.87 32.15
CA VAL D 209 46.10 -1.74 31.03
C VAL D 209 47.39 -1.08 31.50
N ALA D 210 48.50 -1.42 30.84
CA ALA D 210 49.82 -0.92 31.16
C ALA D 210 50.56 -0.47 29.90
N PRO D 211 51.42 0.56 30.01
CA PRO D 211 52.21 1.03 28.86
C PRO D 211 53.39 0.11 28.55
N GLY E 1 -0.07 6.13 -5.41
CA GLY E 1 0.04 4.96 -6.27
C GLY E 1 0.51 5.29 -7.66
N VAL E 2 0.94 4.26 -8.40
CA VAL E 2 1.40 4.45 -9.77
C VAL E 2 0.23 4.90 -10.63
N GLN E 3 0.34 6.12 -11.17
CA GLN E 3 -0.68 6.68 -12.04
C GLN E 3 -0.07 7.00 -13.39
N LEU E 4 -0.82 6.70 -14.45
CA LEU E 4 -0.38 6.90 -15.82
C LEU E 4 -1.54 7.48 -16.62
N VAL E 5 -1.35 8.66 -17.20
CA VAL E 5 -2.40 9.31 -17.97
C VAL E 5 -1.88 9.67 -19.35
N GLU E 6 -2.58 9.22 -20.38
CA GLU E 6 -2.25 9.49 -21.77
C GLU E 6 -2.92 10.78 -22.24
N SER E 7 -2.21 11.54 -23.06
CA SER E 7 -2.71 12.79 -23.60
C SER E 7 -2.28 12.95 -25.04
N GLY E 8 -2.94 13.86 -25.74
CA GLY E 8 -2.61 14.19 -27.11
C GLY E 8 -3.44 13.52 -28.18
N GLY E 9 -4.45 12.74 -27.80
CA GLY E 9 -5.24 12.04 -28.80
C GLY E 9 -6.28 12.92 -29.46
N GLY E 10 -6.62 12.57 -30.70
CA GLY E 10 -7.59 13.33 -31.45
C GLY E 10 -7.52 12.96 -32.92
N LEU E 11 -8.11 13.85 -33.75
CA LEU E 11 -8.07 13.74 -35.20
C LEU E 11 -6.82 14.43 -35.75
N VAL E 12 -6.12 13.76 -36.69
CA VAL E 12 -4.78 14.11 -37.20
C VAL E 12 -4.49 13.55 -38.58
N GLN E 13 -4.35 14.43 -39.58
CA GLN E 13 -4.48 14.02 -40.98
C GLN E 13 -3.40 13.00 -41.37
N PRO E 14 -3.68 12.11 -42.32
CA PRO E 14 -2.71 11.03 -42.56
C PRO E 14 -1.51 11.62 -43.29
N GLY E 15 -0.34 11.10 -42.99
CA GLY E 15 0.84 11.80 -43.38
C GLY E 15 1.10 13.08 -42.60
N ARG E 16 0.20 13.49 -41.71
CA ARG E 16 0.49 14.56 -40.77
C ARG E 16 1.25 13.93 -39.59
N SER E 17 1.44 14.69 -38.53
CA SER E 17 2.15 14.20 -37.36
C SER E 17 1.33 14.49 -36.11
N LEU E 18 1.46 13.62 -35.12
CA LEU E 18 0.82 13.80 -33.82
C LEU E 18 1.72 13.22 -32.74
N ARG E 19 1.88 13.96 -31.65
CA ARG E 19 2.74 13.54 -30.54
C ARG E 19 1.88 13.28 -29.31
N LEU E 20 2.06 12.11 -28.72
CA LEU E 20 1.32 11.72 -27.53
C LEU E 20 2.20 11.87 -26.29
N SER E 21 1.55 12.19 -25.18
CA SER E 21 2.22 12.45 -23.92
C SER E 21 1.72 11.49 -22.86
N CYS E 22 2.59 11.17 -21.91
CA CYS E 22 2.26 10.25 -20.84
C CYS E 22 2.79 10.79 -19.53
N ALA E 23 1.88 11.22 -18.66
CA ALA E 23 2.25 11.65 -17.33
C ALA E 23 2.23 10.47 -16.38
N ALA E 24 3.36 10.26 -15.70
CA ALA E 24 3.55 9.16 -14.76
C ALA E 24 3.77 9.73 -13.36
N SER E 25 3.31 8.97 -12.35
CA SER E 25 3.46 9.39 -10.96
C SER E 25 3.38 8.17 -10.06
N GLY E 26 3.79 8.35 -8.80
CA GLY E 26 3.70 7.31 -7.80
C GLY E 26 4.88 6.37 -7.75
N PHE E 27 5.94 6.64 -8.50
CA PHE E 27 7.10 5.77 -8.56
C PHE E 27 8.25 6.57 -9.17
N THR E 28 9.46 6.05 -9.02
CA THR E 28 10.65 6.69 -9.58
C THR E 28 10.64 6.44 -11.08
N PHE E 29 10.08 7.41 -11.82
CA PHE E 29 9.98 7.30 -13.28
C PHE E 29 11.32 6.94 -13.92
N SER E 30 12.37 7.65 -13.54
CA SER E 30 13.68 7.45 -14.12
C SER E 30 14.17 6.02 -13.98
N ASN E 31 13.59 5.23 -13.08
CA ASN E 31 14.05 3.88 -12.81
C ASN E 31 13.33 2.78 -13.60
N TYR E 32 12.37 3.13 -14.46
CA TYR E 32 11.60 2.13 -15.18
C TYR E 32 11.66 2.39 -16.69
N ALA E 33 11.85 1.32 -17.46
CA ALA E 33 11.71 1.37 -18.91
C ALA E 33 10.23 1.38 -19.28
N MET E 34 9.90 1.95 -20.45
CA MET E 34 8.49 2.19 -20.72
C MET E 34 8.08 1.68 -22.11
N TYR E 35 6.77 1.52 -22.29
CA TYR E 35 6.15 0.91 -23.46
C TYR E 35 5.20 1.88 -24.15
N TRP E 36 4.87 1.56 -25.40
CA TRP E 36 3.72 2.16 -26.08
C TRP E 36 2.93 1.08 -26.79
N VAL E 37 1.61 1.03 -26.56
CA VAL E 37 0.76 -0.02 -27.15
C VAL E 37 -0.47 0.63 -27.78
N ARG E 38 -0.96 0.07 -28.87
CA ARG E 38 -2.17 0.57 -29.52
C ARG E 38 -3.16 -0.57 -29.77
N GLN E 39 -4.45 -0.21 -29.87
CA GLN E 39 -5.51 -1.17 -30.13
C GLN E 39 -6.51 -0.55 -31.11
N ALA E 40 -6.55 -1.07 -32.33
CA ALA E 40 -7.49 -0.56 -33.32
C ALA E 40 -8.93 -0.91 -32.90
N PRO E 41 -9.93 -0.13 -33.37
CA PRO E 41 -11.32 -0.35 -32.94
C PRO E 41 -11.80 -1.80 -33.04
N GLY E 42 -12.14 -2.38 -31.89
CA GLY E 42 -12.60 -3.76 -31.85
C GLY E 42 -11.56 -4.78 -32.20
N LYS E 43 -10.28 -4.39 -32.26
CA LYS E 43 -9.20 -5.28 -32.63
C LYS E 43 -8.41 -5.71 -31.39
N GLY E 44 -7.37 -6.50 -31.63
CA GLY E 44 -6.47 -6.89 -30.58
C GLY E 44 -5.36 -5.87 -30.36
N LEU E 45 -4.55 -6.15 -29.35
CA LEU E 45 -3.45 -5.26 -28.99
C LEU E 45 -2.30 -5.39 -30.00
N GLU E 46 -1.61 -4.27 -30.22
CA GLU E 46 -0.45 -4.24 -31.11
C GLU E 46 0.63 -3.35 -30.50
N TRP E 47 1.83 -3.91 -30.34
CA TRP E 47 2.95 -3.15 -29.80
C TRP E 47 3.43 -2.08 -30.77
N VAL E 48 3.96 -0.98 -30.21
CA VAL E 48 4.47 0.12 -31.03
C VAL E 48 5.97 0.30 -30.82
N ALA E 49 6.38 0.76 -29.64
CA ALA E 49 7.78 1.14 -29.45
C ALA E 49 8.18 1.02 -27.99
N LEU E 50 9.50 1.07 -27.79
CA LEU E 50 10.15 0.89 -26.50
C LEU E 50 11.30 1.85 -26.30
N ILE E 51 11.36 2.39 -25.09
CA ILE E 51 12.44 3.24 -24.61
C ILE E 51 12.94 2.68 -23.28
N SER E 52 14.26 2.59 -23.16
CA SER E 52 14.88 2.37 -21.86
C SER E 52 14.59 3.56 -20.96
N TYR E 53 14.38 3.27 -19.67
CA TYR E 53 14.20 4.27 -18.61
C TYR E 53 14.97 5.58 -18.85
N ASP E 54 16.10 5.57 -19.58
CA ASP E 54 17.00 6.72 -19.70
C ASP E 54 16.98 7.46 -21.02
N ILE E 55 16.40 6.87 -22.08
CA ILE E 55 16.34 7.36 -23.47
C ILE E 55 17.37 6.62 -24.35
N SER E 56 18.35 5.95 -23.73
CA SER E 56 19.45 5.32 -24.47
C SER E 56 18.97 4.44 -25.63
N THR E 57 18.71 3.16 -25.39
CA THR E 57 18.34 2.25 -26.47
C THR E 57 16.82 2.24 -26.67
N ASP E 58 16.41 2.21 -27.94
CA ASP E 58 15.01 2.39 -28.32
C ASP E 58 14.74 1.48 -29.50
N TYR E 59 13.64 0.72 -29.43
CA TYR E 59 13.32 -0.26 -30.47
C TYR E 59 11.88 -0.10 -30.94
N TYR E 60 11.61 -0.60 -32.15
CA TYR E 60 10.35 -0.34 -32.85
C TYR E 60 9.84 -1.59 -33.56
N ALA E 61 8.52 -1.60 -33.81
CA ALA E 61 7.87 -2.58 -34.68
C ALA E 61 7.90 -2.11 -36.13
N ASP E 62 8.04 -3.06 -37.05
CA ASP E 62 8.15 -2.76 -38.48
C ASP E 62 6.95 -1.96 -39.00
N SER E 63 5.80 -2.02 -38.33
CA SER E 63 4.65 -1.24 -38.79
C SER E 63 4.87 0.25 -38.64
N VAL E 64 5.73 0.65 -37.69
CA VAL E 64 6.00 2.06 -37.41
C VAL E 64 7.44 2.44 -37.61
N LYS E 65 8.31 1.49 -38.00
CA LYS E 65 9.73 1.78 -38.19
C LYS E 65 9.93 2.89 -39.21
N GLY E 66 10.65 3.94 -38.81
CA GLY E 66 10.96 5.06 -39.66
C GLY E 66 10.01 6.22 -39.54
N ARG E 67 8.76 5.96 -39.15
CA ARG E 67 7.75 7.00 -39.01
C ARG E 67 7.67 7.52 -37.59
N PHE E 68 7.66 6.62 -36.61
CA PHE E 68 7.45 6.98 -35.22
C PHE E 68 8.79 7.08 -34.50
N THR E 69 8.84 7.94 -33.48
CA THR E 69 10.03 8.19 -32.68
C THR E 69 9.62 8.27 -31.22
N ILE E 70 10.24 7.46 -30.36
CA ILE E 70 9.88 7.37 -28.96
C ILE E 70 10.89 8.18 -28.15
N SER E 71 10.40 8.90 -27.14
CA SER E 71 11.28 9.72 -26.31
C SER E 71 10.67 9.83 -24.93
N ARG E 72 11.44 10.39 -24.01
CA ARG E 72 10.94 10.62 -22.67
C ARG E 72 11.76 11.73 -22.03
N ASP E 73 11.24 12.26 -20.94
CA ASP E 73 11.92 13.25 -20.12
C ASP E 73 11.87 12.72 -18.70
N ASN E 74 13.01 12.18 -18.24
CA ASN E 74 13.16 11.66 -16.89
C ASN E 74 13.20 12.76 -15.83
N SER E 75 13.28 14.02 -16.25
CA SER E 75 13.16 15.14 -15.32
C SER E 75 11.75 15.68 -15.23
N LYS E 76 10.91 15.41 -16.23
CA LYS E 76 9.50 15.76 -16.21
C LYS E 76 8.63 14.53 -15.97
N ASN E 77 9.24 13.36 -15.83
CA ASN E 77 8.52 12.09 -15.66
C ASN E 77 7.46 11.93 -16.75
N THR E 78 7.84 12.24 -17.99
CA THR E 78 6.88 12.26 -19.07
C THR E 78 7.38 11.39 -20.22
N ILE E 79 6.45 10.77 -20.93
CA ILE E 79 6.76 9.90 -22.06
C ILE E 79 6.18 10.54 -23.32
N TYR E 80 6.91 10.43 -24.43
CA TYR E 80 6.49 11.01 -25.69
C TYR E 80 6.51 9.98 -26.80
N LEU E 81 5.48 10.06 -27.67
CA LEU E 81 5.39 9.21 -28.86
C LEU E 81 5.15 10.15 -30.05
N GLN E 82 6.22 10.45 -30.77
CA GLN E 82 6.19 11.34 -31.94
C GLN E 82 5.84 10.52 -33.18
N MET E 83 4.59 10.62 -33.63
CA MET E 83 4.11 9.88 -34.79
C MET E 83 4.16 10.76 -36.03
N ASN E 84 4.77 10.24 -37.09
CA ASN E 84 4.85 10.92 -38.38
C ASN E 84 4.29 10.00 -39.45
N ASN E 85 3.90 10.60 -40.57
CA ASN E 85 3.39 9.85 -41.73
C ASN E 85 2.23 8.95 -41.33
N LEU E 86 1.38 9.44 -40.42
CA LEU E 86 0.26 8.68 -39.91
C LEU E 86 -0.57 8.08 -41.04
N ARG E 87 -1.16 6.92 -40.76
CA ARG E 87 -1.95 6.17 -41.73
C ARG E 87 -3.28 5.80 -41.12
N THR E 88 -4.14 5.17 -41.94
CA THR E 88 -5.42 4.71 -41.45
C THR E 88 -5.28 3.51 -40.51
N GLU E 89 -4.24 2.70 -40.72
CA GLU E 89 -3.96 1.58 -39.84
C GLU E 89 -3.52 2.04 -38.46
N ASP E 90 -3.16 3.31 -38.33
CA ASP E 90 -2.76 3.88 -37.05
C ASP E 90 -3.94 4.32 -36.20
N THR E 91 -5.17 4.24 -36.70
CA THR E 91 -6.34 4.50 -35.87
C THR E 91 -6.42 3.49 -34.75
N ALA E 92 -6.30 3.97 -33.52
CA ALA E 92 -6.25 3.05 -32.39
C ALA E 92 -6.31 3.82 -31.09
N LEU E 93 -6.51 3.07 -30.01
CA LEU E 93 -6.35 3.56 -28.65
C LEU E 93 -4.90 3.35 -28.24
N TYR E 94 -4.23 4.43 -27.86
CA TYR E 94 -2.82 4.36 -27.54
C TYR E 94 -2.65 4.44 -26.02
N TYR E 95 -2.14 3.36 -25.45
CA TYR E 95 -1.93 3.20 -24.02
C TYR E 95 -0.45 3.40 -23.73
N CYS E 96 -0.18 4.09 -22.61
CA CYS E 96 1.16 4.34 -22.09
C CYS E 96 1.15 3.69 -20.72
N ALA E 97 1.95 2.65 -20.55
CA ALA E 97 1.75 1.79 -19.40
C ALA E 97 2.90 0.82 -19.15
N GLY E 98 3.95 1.27 -18.48
CA GLY E 98 4.98 0.38 -18.01
C GLY E 98 4.41 -0.84 -17.32
N ASN E 99 4.45 -1.98 -18.03
CA ASN E 99 3.97 -3.28 -17.58
C ASN E 99 4.16 -3.51 -16.09
N ASP E 100 3.06 -3.89 -15.41
CA ASP E 100 2.82 -4.02 -13.97
C ASP E 100 1.88 -2.91 -13.52
N TYR E 101 1.68 -1.91 -14.38
CA TYR E 101 0.77 -0.80 -14.14
C TYR E 101 0.33 -0.27 -15.50
N TRP E 102 -0.95 0.09 -15.61
CA TRP E 102 -1.51 0.44 -16.89
C TRP E 102 -2.52 1.58 -16.74
N GLY E 103 -2.45 2.53 -17.65
CA GLY E 103 -3.32 3.68 -17.66
C GLY E 103 -4.34 3.57 -18.77
N GLN E 104 -5.34 4.43 -18.70
CA GLN E 104 -6.37 4.47 -19.74
C GLN E 104 -5.84 5.24 -20.94
N GLY E 105 -5.93 4.62 -22.11
CA GLY E 105 -5.28 5.13 -23.31
C GLY E 105 -5.90 6.43 -23.81
N THR E 106 -5.51 6.78 -25.03
CA THR E 106 -5.99 7.99 -25.68
C THR E 106 -6.30 7.67 -27.13
N LEU E 107 -7.50 8.09 -27.57
CA LEU E 107 -7.95 7.74 -28.92
C LEU E 107 -7.23 8.58 -29.97
N VAL E 108 -6.76 7.91 -31.02
CA VAL E 108 -6.15 8.56 -32.17
C VAL E 108 -6.90 8.02 -33.39
N THR E 109 -7.80 8.83 -33.95
CA THR E 109 -8.59 8.47 -35.11
C THR E 109 -8.11 9.23 -36.33
N VAL E 110 -7.50 8.51 -37.29
CA VAL E 110 -7.03 8.93 -38.62
C VAL E 110 -6.98 10.46 -38.78
N SER E 111 -7.36 10.99 -39.94
CA SER E 111 -7.35 12.38 -40.30
C SER E 111 -8.48 13.20 -39.59
N SER E 112 -9.76 13.01 -39.90
CA SER E 112 -10.24 12.14 -40.98
C SER E 112 -10.65 13.05 -42.13
N ALA E 113 -11.91 13.42 -42.19
CA ALA E 113 -12.41 14.12 -43.37
C ALA E 113 -13.68 14.82 -42.86
N SER E 114 -13.55 16.09 -42.50
CA SER E 114 -14.64 16.89 -41.96
C SER E 114 -15.01 16.38 -40.58
N THR E 115 -15.69 17.22 -39.77
CA THR E 115 -16.53 16.88 -38.59
C THR E 115 -16.04 17.51 -37.27
N LYS E 116 -16.86 17.67 -36.21
CA LYS E 116 -18.36 17.79 -36.12
C LYS E 116 -18.83 18.09 -34.69
N GLY E 117 -20.00 18.70 -34.54
CA GLY E 117 -20.78 18.57 -33.32
C GLY E 117 -21.83 17.48 -33.47
N PRO E 118 -22.05 16.67 -32.43
CA PRO E 118 -23.23 15.80 -32.42
C PRO E 118 -24.48 16.59 -32.08
N SER E 119 -25.61 16.14 -32.62
CA SER E 119 -26.90 16.67 -32.18
C SER E 119 -27.43 15.81 -31.04
N VAL E 120 -28.03 16.43 -30.03
CA VAL E 120 -28.44 15.74 -28.82
C VAL E 120 -29.93 16.00 -28.60
N PHE E 121 -30.77 15.05 -29.01
CA PHE E 121 -32.20 15.08 -28.82
C PHE E 121 -32.59 14.25 -27.60
N PRO E 122 -33.76 14.48 -27.02
CA PRO E 122 -34.13 13.69 -25.84
C PRO E 122 -35.00 12.48 -26.18
N LEU E 123 -34.87 11.43 -25.37
CA LEU E 123 -35.73 10.26 -25.42
C LEU E 123 -36.55 10.30 -24.13
N ALA E 124 -37.72 10.96 -24.22
CA ALA E 124 -38.64 11.21 -23.13
C ALA E 124 -39.52 9.98 -22.88
N PRO E 125 -39.91 9.76 -21.61
CA PRO E 125 -40.73 8.57 -21.30
C PRO E 125 -42.16 8.69 -21.80
N SER E 126 -43.06 7.94 -21.17
CA SER E 126 -44.45 7.91 -21.57
C SER E 126 -45.36 8.07 -20.36
N SER E 127 -46.53 8.67 -20.59
CA SER E 127 -47.51 8.81 -19.52
C SER E 127 -47.98 7.45 -19.02
N LYS E 128 -47.96 6.44 -19.88
CA LYS E 128 -48.34 5.06 -19.58
C LYS E 128 -47.39 4.39 -18.59
N SER E 129 -46.42 5.12 -18.05
CA SER E 129 -45.46 4.60 -17.08
C SER E 129 -46.19 3.84 -15.97
N THR E 130 -45.92 2.54 -15.89
CA THR E 130 -46.51 1.62 -14.92
C THR E 130 -46.80 2.31 -13.58
N SER E 131 -48.06 2.72 -13.39
CA SER E 131 -48.50 3.44 -12.20
C SER E 131 -48.05 2.71 -10.94
N GLY E 132 -46.94 3.16 -10.37
CA GLY E 132 -46.28 2.42 -9.31
C GLY E 132 -45.39 1.35 -9.88
N GLY E 133 -44.34 1.76 -10.60
CA GLY E 133 -43.48 0.82 -11.27
C GLY E 133 -42.30 1.54 -11.91
N THR E 134 -41.55 0.79 -12.71
CA THR E 134 -40.37 1.30 -13.37
C THR E 134 -40.70 1.97 -14.70
N ALA E 135 -40.00 3.06 -14.99
CA ALA E 135 -40.01 3.77 -16.26
C ALA E 135 -38.57 3.87 -16.73
N ALA E 136 -38.38 4.44 -17.92
CA ALA E 136 -37.04 4.53 -18.50
C ALA E 136 -36.97 5.77 -19.38
N LEU E 137 -35.82 6.44 -19.34
CA LEU E 137 -35.61 7.62 -20.18
C LEU E 137 -34.17 7.64 -20.67
N GLY E 138 -33.87 8.59 -21.55
CA GLY E 138 -32.50 8.64 -22.05
C GLY E 138 -32.31 9.81 -22.99
N CYS E 139 -31.09 9.88 -23.52
CA CYS E 139 -30.71 10.87 -24.52
C CYS E 139 -30.20 10.18 -25.79
N LEU E 140 -30.44 10.84 -26.92
CA LEU E 140 -30.06 10.35 -28.24
C LEU E 140 -29.08 11.33 -28.90
N VAL E 141 -27.87 10.85 -29.17
CA VAL E 141 -26.75 11.63 -29.67
C VAL E 141 -26.48 11.19 -31.11
N LYS E 142 -26.99 11.95 -32.08
CA LYS E 142 -27.02 11.56 -33.48
C LYS E 142 -26.04 12.35 -34.33
N ASP E 143 -25.65 11.74 -35.45
CA ASP E 143 -24.86 12.37 -36.50
C ASP E 143 -23.53 12.88 -35.97
N TYR E 144 -22.55 11.99 -35.75
CA TYR E 144 -21.26 12.47 -35.27
C TYR E 144 -20.08 11.61 -35.69
N PHE E 145 -19.02 12.24 -36.20
CA PHE E 145 -17.69 11.59 -36.40
C PHE E 145 -16.52 12.43 -35.80
N PRO E 146 -15.59 11.81 -35.04
CA PRO E 146 -15.25 10.44 -34.66
C PRO E 146 -15.79 10.06 -33.29
N GLU E 147 -15.44 8.85 -32.86
CA GLU E 147 -15.50 8.50 -31.45
C GLU E 147 -14.45 9.34 -30.71
N PRO E 148 -14.63 9.58 -29.41
CA PRO E 148 -15.70 9.13 -28.53
C PRO E 148 -16.71 10.22 -28.20
N VAL E 149 -17.81 9.80 -27.58
CA VAL E 149 -18.74 10.70 -26.90
C VAL E 149 -19.04 10.10 -25.53
N THR E 150 -19.00 10.92 -24.49
CA THR E 150 -19.24 10.47 -23.12
C THR E 150 -20.53 11.08 -22.60
N VAL E 151 -21.37 10.25 -21.98
CA VAL E 151 -22.66 10.69 -21.45
C VAL E 151 -22.73 10.28 -19.99
N SER E 152 -22.91 11.26 -19.11
CA SER E 152 -23.13 11.02 -17.69
CA SER E 152 -23.10 11.06 -17.68
C SER E 152 -24.52 11.51 -17.30
N TRP E 153 -24.94 11.16 -16.09
CA TRP E 153 -26.25 11.57 -15.63
C TRP E 153 -26.14 12.32 -14.31
N ASN E 154 -26.78 13.49 -14.25
CA ASN E 154 -26.80 14.34 -13.06
C ASN E 154 -25.39 14.65 -12.56
N SER E 155 -24.54 15.04 -13.50
CA SER E 155 -23.14 15.34 -13.20
C SER E 155 -22.43 14.16 -12.56
N GLY E 156 -22.84 12.94 -12.90
CA GLY E 156 -22.26 11.74 -12.37
C GLY E 156 -22.94 11.21 -11.14
N ALA E 157 -23.92 11.94 -10.59
CA ALA E 157 -24.58 11.50 -9.37
C ALA E 157 -25.49 10.29 -9.58
N LEU E 158 -25.86 9.99 -10.83
CA LEU E 158 -26.76 8.88 -11.12
C LEU E 158 -26.01 7.82 -11.93
N THR E 159 -25.82 6.63 -11.33
CA THR E 159 -25.18 5.52 -12.00
C THR E 159 -26.03 4.25 -12.04
N SER E 160 -26.89 4.02 -11.05
CA SER E 160 -27.67 2.79 -11.00
C SER E 160 -28.75 2.79 -12.08
N GLY E 161 -28.78 1.73 -12.88
CA GLY E 161 -29.77 1.59 -13.93
C GLY E 161 -29.36 2.10 -15.29
N VAL E 162 -28.18 2.72 -15.40
CA VAL E 162 -27.75 3.34 -16.64
C VAL E 162 -27.19 2.28 -17.59
N HIS E 163 -27.63 2.31 -18.84
CA HIS E 163 -26.99 1.55 -19.91
C HIS E 163 -26.52 2.53 -20.97
N THR E 164 -25.22 2.48 -21.28
CA THR E 164 -24.64 3.25 -22.37
C THR E 164 -24.19 2.25 -23.44
N PHE E 165 -24.83 2.31 -24.62
CA PHE E 165 -24.69 1.34 -25.68
C PHE E 165 -23.59 1.73 -26.66
N PRO E 166 -22.97 0.73 -27.29
CA PRO E 166 -21.94 1.00 -28.30
C PRO E 166 -22.45 1.91 -29.42
N ALA E 167 -21.61 2.87 -29.81
CA ALA E 167 -21.94 3.74 -30.93
C ALA E 167 -21.93 2.98 -32.24
N VAL E 168 -22.84 3.37 -33.14
CA VAL E 168 -22.96 2.75 -34.46
C VAL E 168 -22.58 3.78 -35.51
N LEU E 169 -22.05 3.29 -36.63
CA LEU E 169 -21.61 4.12 -37.74
C LEU E 169 -22.68 4.10 -38.83
N GLN E 170 -23.38 5.21 -39.01
CA GLN E 170 -24.50 5.30 -39.94
C GLN E 170 -23.98 5.32 -41.39
N SER E 171 -24.92 5.15 -42.34
CA SER E 171 -24.58 5.20 -43.76
C SER E 171 -24.07 6.56 -44.19
N SER E 172 -24.41 7.62 -43.46
CA SER E 172 -23.89 8.95 -43.76
C SER E 172 -22.39 9.04 -43.51
N GLY E 173 -21.84 8.15 -42.68
CA GLY E 173 -20.46 8.20 -42.27
C GLY E 173 -20.27 8.79 -40.89
N LEU E 174 -21.35 9.17 -40.21
CA LEU E 174 -21.33 9.71 -38.87
C LEU E 174 -21.81 8.64 -37.87
N TYR E 175 -21.40 8.81 -36.61
CA TYR E 175 -21.78 7.89 -35.56
C TYR E 175 -23.08 8.35 -34.90
N SER E 176 -23.70 7.44 -34.15
CA SER E 176 -24.87 7.78 -33.36
C SER E 176 -24.94 6.79 -32.19
N LEU E 177 -25.16 7.30 -30.98
CA LEU E 177 -25.34 6.44 -29.81
C LEU E 177 -26.42 7.05 -28.92
N SER E 178 -26.92 6.23 -28.00
CA SER E 178 -27.93 6.66 -27.04
CA SER E 178 -27.93 6.67 -27.04
C SER E 178 -27.57 6.14 -25.66
N SER E 179 -28.00 6.87 -24.62
CA SER E 179 -27.74 6.50 -23.24
C SER E 179 -29.05 6.51 -22.46
N VAL E 180 -29.31 5.44 -21.69
CA VAL E 180 -30.60 5.25 -21.06
C VAL E 180 -30.42 4.99 -19.57
N VAL E 181 -31.51 5.13 -18.83
CA VAL E 181 -31.53 4.87 -17.39
C VAL E 181 -32.95 4.47 -16.99
N THR E 182 -33.03 3.46 -16.12
CA THR E 182 -34.29 3.01 -15.53
C THR E 182 -34.50 3.69 -14.19
N VAL E 183 -35.70 4.22 -13.97
CA VAL E 183 -36.01 4.99 -12.75
C VAL E 183 -37.42 4.64 -12.30
N PRO E 184 -37.68 4.77 -11.00
CA PRO E 184 -39.07 4.64 -10.52
C PRO E 184 -39.98 5.68 -11.17
N SER E 185 -41.27 5.35 -11.22
CA SER E 185 -42.23 6.24 -11.87
C SER E 185 -42.83 7.25 -10.90
N SER E 186 -42.91 6.92 -9.60
CA SER E 186 -43.29 7.90 -8.60
C SER E 186 -42.33 9.09 -8.57
N SER E 187 -41.08 8.87 -8.95
CA SER E 187 -40.05 9.89 -8.93
C SER E 187 -39.91 10.61 -10.27
N LEU E 188 -40.79 10.35 -11.22
CA LEU E 188 -40.72 11.03 -12.51
C LEU E 188 -41.03 12.52 -12.36
N GLY E 189 -42.12 12.84 -11.66
CA GLY E 189 -42.54 14.21 -11.46
C GLY E 189 -41.80 14.97 -10.38
N THR E 190 -40.91 14.32 -9.64
CA THR E 190 -40.28 14.95 -8.49
C THR E 190 -38.77 15.09 -8.58
N GLN E 191 -38.10 14.49 -9.57
CA GLN E 191 -36.65 14.53 -9.66
C GLN E 191 -36.20 14.98 -11.05
N THR E 192 -35.01 15.59 -11.09
CA THR E 192 -34.44 16.13 -12.31
C THR E 192 -33.36 15.19 -12.85
N TYR E 193 -33.56 14.71 -14.08
CA TYR E 193 -32.59 13.86 -14.77
C TYR E 193 -32.02 14.65 -15.94
N ILE E 194 -30.72 14.93 -15.89
CA ILE E 194 -30.04 15.71 -16.91
C ILE E 194 -28.86 14.90 -17.43
N CYS E 195 -28.77 14.74 -18.74
CA CYS E 195 -27.64 14.04 -19.34
C CYS E 195 -26.55 15.04 -19.70
N ASN E 196 -25.32 14.74 -19.27
CA ASN E 196 -24.14 15.55 -19.54
C ASN E 196 -23.37 14.84 -20.64
N VAL E 197 -23.53 15.34 -21.86
CA VAL E 197 -22.92 14.81 -23.07
C VAL E 197 -21.68 15.62 -23.38
N ASN E 198 -20.66 14.95 -23.92
CA ASN E 198 -19.34 15.54 -24.12
C ASN E 198 -18.68 14.88 -25.33
N HIS E 199 -18.28 15.71 -26.30
CA HIS E 199 -17.49 15.33 -27.46
C HIS E 199 -16.27 16.22 -27.48
N LYS E 200 -15.23 15.83 -26.74
CA LYS E 200 -13.96 16.54 -26.74
C LYS E 200 -13.34 16.76 -28.12
N PRO E 201 -13.33 15.80 -29.06
CA PRO E 201 -12.67 16.06 -30.36
C PRO E 201 -13.19 17.29 -31.09
N SER E 202 -14.38 17.77 -30.76
CA SER E 202 -14.87 19.04 -31.28
C SER E 202 -15.27 20.03 -30.20
N ASN E 203 -15.04 19.73 -28.93
CA ASN E 203 -15.33 20.64 -27.82
C ASN E 203 -16.84 20.93 -27.69
N THR E 204 -17.66 19.89 -27.84
CA THR E 204 -19.12 20.01 -27.68
C THR E 204 -19.53 19.51 -26.30
N LYS E 205 -20.05 20.41 -25.45
CA LYS E 205 -20.61 20.05 -24.16
C LYS E 205 -22.09 20.38 -24.13
N VAL E 206 -22.93 19.36 -23.94
CA VAL E 206 -24.38 19.56 -23.91
C VAL E 206 -24.95 18.93 -22.65
N ASP E 207 -25.58 19.74 -21.80
CA ASP E 207 -26.40 19.23 -20.70
C ASP E 207 -27.87 19.37 -21.09
N LYS E 208 -28.57 18.25 -21.13
CA LYS E 208 -29.94 18.20 -21.65
C LYS E 208 -30.88 17.69 -20.57
N LYS E 209 -31.92 18.47 -20.29
CA LYS E 209 -32.99 18.06 -19.40
C LYS E 209 -34.01 17.23 -20.18
N VAL E 210 -34.27 16.02 -19.71
CA VAL E 210 -35.22 15.11 -20.33
C VAL E 210 -36.45 15.04 -19.44
N GLU E 211 -37.62 15.38 -20.00
CA GLU E 211 -38.86 15.41 -19.25
C GLU E 211 -40.00 14.95 -20.15
N PRO E 212 -41.09 14.45 -19.56
CA PRO E 212 -42.21 13.96 -20.38
C PRO E 212 -42.85 15.07 -21.21
N LYS E 213 -43.35 14.69 -22.39
CA LYS E 213 -43.97 15.62 -23.32
C LYS E 213 -45.35 16.06 -22.82
N SER F 1 9.24 -15.43 -34.46
CA SER F 1 8.82 -14.17 -35.06
C SER F 1 7.41 -13.79 -34.64
N VAL F 2 6.56 -14.80 -34.42
CA VAL F 2 5.17 -14.58 -34.02
C VAL F 2 4.83 -15.47 -32.84
N LEU F 3 3.84 -15.04 -32.06
CA LEU F 3 3.30 -15.80 -30.94
C LEU F 3 1.89 -16.23 -31.29
N THR F 4 1.64 -17.54 -31.30
CA THR F 4 0.36 -18.08 -31.72
C THR F 4 -0.48 -18.44 -30.50
N GLN F 5 -1.66 -17.82 -30.40
CA GLN F 5 -2.63 -18.10 -29.35
C GLN F 5 -3.93 -18.58 -29.97
N SER F 6 -4.62 -19.45 -29.25
CA SER F 6 -5.98 -19.82 -29.63
C SER F 6 -6.90 -18.62 -29.42
N PRO F 7 -7.81 -18.35 -30.38
CA PRO F 7 -8.65 -17.16 -30.25
C PRO F 7 -9.67 -17.23 -29.13
N SER F 8 -10.08 -18.41 -28.69
CA SER F 8 -11.12 -18.52 -27.69
C SER F 8 -10.87 -19.74 -26.80
N ALA F 9 -11.58 -19.76 -25.67
CA ALA F 9 -11.59 -20.89 -24.74
C ALA F 9 -12.85 -20.77 -23.92
N SER F 10 -13.30 -21.89 -23.35
CA SER F 10 -14.53 -21.87 -22.58
C SER F 10 -14.45 -22.88 -21.44
N GLY F 11 -15.35 -22.69 -20.48
CA GLY F 11 -15.45 -23.55 -19.32
C GLY F 11 -16.57 -23.07 -18.43
N THR F 12 -16.95 -23.92 -17.50
CA THR F 12 -17.97 -23.56 -16.52
C THR F 12 -17.35 -23.07 -15.23
N PRO F 13 -18.12 -22.36 -14.40
CA PRO F 13 -17.63 -21.99 -13.06
C PRO F 13 -17.17 -23.22 -12.29
N GLY F 14 -15.98 -23.12 -11.70
CA GLY F 14 -15.35 -24.22 -11.01
C GLY F 14 -14.44 -25.06 -11.88
N GLN F 15 -14.58 -25.00 -13.20
CA GLN F 15 -13.75 -25.77 -14.09
C GLN F 15 -12.35 -25.16 -14.17
N ARG F 16 -11.44 -25.90 -14.81
CA ARG F 16 -10.07 -25.45 -15.04
C ARG F 16 -9.82 -25.38 -16.52
N VAL F 17 -9.21 -24.27 -16.97
CA VAL F 17 -8.94 -24.08 -18.39
C VAL F 17 -7.45 -23.79 -18.56
N THR F 18 -6.92 -24.14 -19.74
CA THR F 18 -5.51 -23.94 -20.06
C THR F 18 -5.41 -23.22 -21.40
N ILE F 19 -4.92 -21.98 -21.38
CA ILE F 19 -4.72 -21.19 -22.58
C ILE F 19 -3.27 -21.33 -23.03
N SER F 20 -3.07 -21.70 -24.29
CA SER F 20 -1.74 -21.96 -24.82
C SER F 20 -1.21 -20.74 -25.57
N CYS F 21 0.12 -20.67 -25.66
CA CYS F 21 0.80 -19.60 -26.39
C CYS F 21 2.07 -20.18 -27.02
N SER F 22 2.02 -20.46 -28.31
CA SER F 22 3.14 -21.02 -29.05
C SER F 22 3.93 -19.93 -29.78
N GLY F 23 5.23 -20.13 -29.87
CA GLY F 23 6.11 -19.17 -30.53
C GLY F 23 7.30 -19.90 -31.14
N SER F 24 8.45 -19.22 -31.11
CA SER F 24 9.68 -19.78 -31.67
C SER F 24 10.79 -19.79 -30.62
N SER F 25 12.04 -19.77 -31.06
CA SER F 25 13.17 -19.68 -30.14
C SER F 25 13.63 -18.25 -29.91
N SER F 26 13.50 -17.40 -30.92
CA SER F 26 13.89 -16.01 -30.76
C SER F 26 12.92 -15.25 -29.87
N ASN F 27 11.69 -15.74 -29.72
CA ASN F 27 10.70 -15.08 -28.86
C ASN F 27 10.54 -15.79 -27.53
N ILE F 28 9.96 -16.99 -27.55
CA ILE F 28 9.80 -17.77 -26.33
C ILE F 28 11.03 -18.63 -26.14
N GLY F 29 11.28 -19.03 -24.89
CA GLY F 29 12.40 -19.90 -24.58
C GLY F 29 13.58 -19.18 -23.97
N ASN F 30 14.08 -18.16 -24.66
CA ASN F 30 15.19 -17.38 -24.14
C ASN F 30 14.71 -16.15 -23.37
N ASN F 31 13.51 -15.68 -23.67
CA ASN F 31 12.88 -14.58 -22.97
C ASN F 31 11.62 -15.09 -22.28
N TYR F 32 11.29 -14.47 -21.15
CA TYR F 32 10.15 -14.90 -20.36
C TYR F 32 8.84 -14.65 -21.11
N VAL F 33 7.76 -15.26 -20.63
CA VAL F 33 6.44 -15.07 -21.22
C VAL F 33 5.55 -14.34 -20.23
N TYR F 34 4.66 -13.50 -20.75
CA TYR F 34 3.85 -12.65 -19.90
C TYR F 34 2.37 -12.77 -20.21
N TRP F 35 1.53 -12.61 -19.17
CA TRP F 35 0.09 -12.85 -19.30
C TRP F 35 -0.72 -11.66 -18.79
N TYR F 36 -1.70 -11.23 -19.60
CA TYR F 36 -2.53 -10.06 -19.32
C TYR F 36 -4.01 -10.34 -19.61
N GLN F 37 -4.87 -9.68 -18.83
CA GLN F 37 -6.33 -9.78 -18.94
C GLN F 37 -6.92 -8.42 -19.34
N GLN F 38 -7.84 -8.43 -20.31
CA GLN F 38 -8.61 -7.25 -20.70
C GLN F 38 -10.10 -7.56 -20.55
N LEU F 39 -10.74 -6.89 -19.59
CA LEU F 39 -12.18 -6.93 -19.43
C LEU F 39 -12.86 -5.98 -20.41
N PRO F 40 -14.15 -6.22 -20.73
CA PRO F 40 -14.85 -5.35 -21.69
C PRO F 40 -14.81 -3.87 -21.34
N GLY F 41 -14.28 -3.07 -22.26
CA GLY F 41 -14.26 -1.63 -22.08
C GLY F 41 -13.26 -1.12 -21.06
N THR F 42 -12.20 -1.87 -20.78
CA THR F 42 -11.22 -1.46 -19.79
C THR F 42 -9.81 -1.68 -20.33
N ALA F 43 -8.86 -1.02 -19.67
CA ALA F 43 -7.46 -1.17 -20.02
C ALA F 43 -6.91 -2.51 -19.55
N PRO F 44 -5.87 -3.02 -20.21
CA PRO F 44 -5.28 -4.29 -19.80
C PRO F 44 -4.63 -4.21 -18.44
N LYS F 45 -4.62 -5.34 -17.73
CA LYS F 45 -4.07 -5.45 -16.39
C LYS F 45 -3.11 -6.63 -16.32
N LEU F 46 -1.98 -6.43 -15.62
CA LEU F 46 -1.00 -7.49 -15.47
C LEU F 46 -1.55 -8.67 -14.67
N LEU F 47 -1.38 -9.87 -15.22
CA LEU F 47 -1.75 -11.11 -14.54
C LEU F 47 -0.52 -11.91 -14.13
N ILE F 48 0.37 -12.25 -15.07
CA ILE F 48 1.53 -13.07 -14.76
C ILE F 48 2.78 -12.41 -15.33
N TYR F 49 3.79 -12.24 -14.47
CA TYR F 49 5.07 -11.66 -14.84
C TYR F 49 6.19 -12.66 -14.61
N TRP F 50 7.21 -12.61 -15.48
CA TRP F 50 8.37 -13.50 -15.43
C TRP F 50 7.95 -14.97 -15.43
N ASN F 51 7.29 -15.35 -16.52
CA ASN F 51 6.79 -16.70 -16.74
C ASN F 51 5.74 -17.13 -15.72
N ASP F 52 6.07 -17.06 -14.41
CA ASP F 52 5.24 -17.75 -13.43
C ASP F 52 5.00 -16.94 -12.15
N GLN F 53 5.27 -15.64 -12.15
CA GLN F 53 5.10 -14.82 -10.97
C GLN F 53 3.84 -13.95 -11.08
N ARG F 54 3.05 -13.93 -10.01
CA ARG F 54 1.86 -13.11 -9.84
C ARG F 54 2.21 -11.83 -9.10
N PRO F 55 1.91 -10.65 -9.64
CA PRO F 55 2.11 -9.43 -8.85
C PRO F 55 1.12 -9.40 -7.68
N SER F 56 1.35 -8.44 -6.79
CA SER F 56 0.47 -8.27 -5.65
C SER F 56 -0.95 -8.02 -6.13
N GLY F 57 -1.89 -8.78 -5.58
CA GLY F 57 -3.30 -8.67 -5.93
C GLY F 57 -3.80 -9.73 -6.88
N VAL F 58 -2.93 -10.34 -7.68
CA VAL F 58 -3.36 -11.37 -8.61
C VAL F 58 -3.64 -12.66 -7.83
N PRO F 59 -4.86 -13.18 -7.90
CA PRO F 59 -5.20 -14.37 -7.12
C PRO F 59 -4.40 -15.59 -7.56
N ASP F 60 -4.08 -16.45 -6.58
CA ASP F 60 -3.33 -17.67 -6.84
C ASP F 60 -4.02 -18.59 -7.85
N ARG F 61 -5.32 -18.36 -8.12
CA ARG F 61 -6.02 -19.16 -9.12
C ARG F 61 -5.35 -19.10 -10.48
N PHE F 62 -4.67 -17.99 -10.78
CA PHE F 62 -4.00 -17.82 -12.07
C PHE F 62 -2.57 -18.31 -11.96
N SER F 63 -2.15 -19.14 -12.91
CA SER F 63 -0.80 -19.67 -12.87
C SER F 63 -0.23 -19.74 -14.28
N GLY F 64 1.08 -19.54 -14.38
CA GLY F 64 1.77 -19.57 -15.65
C GLY F 64 2.68 -20.78 -15.74
N SER F 65 2.84 -21.30 -16.96
CA SER F 65 3.80 -22.33 -17.27
C SER F 65 4.62 -21.90 -18.48
N LYS F 66 5.83 -22.43 -18.57
CA LYS F 66 6.73 -22.07 -19.65
C LYS F 66 7.55 -23.28 -20.06
N SER F 67 7.50 -23.61 -21.34
CA SER F 67 8.37 -24.61 -21.95
C SER F 67 9.28 -23.91 -22.96
N GLY F 68 9.93 -24.70 -23.80
CA GLY F 68 10.87 -24.15 -24.76
C GLY F 68 10.20 -23.35 -25.86
N THR F 69 9.31 -24.01 -26.62
CA THR F 69 8.63 -23.37 -27.74
C THR F 69 7.30 -22.75 -27.36
N SER F 70 6.75 -23.09 -26.18
CA SER F 70 5.40 -22.70 -25.83
C SER F 70 5.37 -22.18 -24.39
N ALA F 71 4.20 -21.66 -24.03
CA ALA F 71 3.89 -21.18 -22.69
C ALA F 71 2.39 -21.40 -22.47
N SER F 72 1.97 -21.32 -21.22
CA SER F 72 0.58 -21.62 -20.91
C SER F 72 0.13 -20.80 -19.72
N LEU F 73 -1.18 -20.55 -19.67
CA LEU F 73 -1.82 -19.89 -18.53
C LEU F 73 -2.97 -20.80 -18.08
N ALA F 74 -2.84 -21.34 -16.87
CA ALA F 74 -3.85 -22.19 -16.27
C ALA F 74 -4.71 -21.37 -15.32
N ILE F 75 -6.03 -21.54 -15.44
CA ILE F 75 -7.02 -20.85 -14.62
C ILE F 75 -7.84 -21.92 -13.92
N SER F 76 -7.64 -22.05 -12.61
CA SER F 76 -8.44 -22.92 -11.77
C SER F 76 -9.62 -22.16 -11.18
N GLY F 77 -10.61 -22.92 -10.72
CA GLY F 77 -11.81 -22.35 -10.13
C GLY F 77 -12.41 -21.22 -10.93
N LEU F 78 -12.67 -21.47 -12.22
CA LEU F 78 -13.18 -20.47 -13.13
C LEU F 78 -14.38 -19.74 -12.55
N ARG F 79 -14.46 -18.44 -12.79
CA ARG F 79 -15.58 -17.61 -12.37
C ARG F 79 -16.08 -16.78 -13.55
N SER F 80 -17.31 -16.28 -13.42
CA SER F 80 -17.90 -15.49 -14.49
C SER F 80 -17.17 -14.18 -14.71
N GLU F 81 -16.54 -13.64 -13.67
CA GLU F 81 -15.77 -12.41 -13.82
C GLU F 81 -14.52 -12.61 -14.65
N ASP F 82 -14.11 -13.85 -14.89
CA ASP F 82 -12.95 -14.17 -15.72
C ASP F 82 -13.23 -14.06 -17.21
N GLU F 83 -14.50 -13.88 -17.61
CA GLU F 83 -14.83 -13.75 -19.03
C GLU F 83 -14.18 -12.50 -19.60
N ALA F 84 -13.13 -12.68 -20.40
CA ALA F 84 -12.32 -11.54 -20.85
C ALA F 84 -11.37 -12.03 -21.93
N ASP F 85 -10.50 -11.14 -22.40
CA ASP F 85 -9.50 -11.51 -23.38
C ASP F 85 -8.14 -11.66 -22.70
N TYR F 86 -7.39 -12.70 -23.07
CA TYR F 86 -6.12 -13.01 -22.42
C TYR F 86 -4.99 -13.01 -23.44
N TYR F 87 -3.92 -12.28 -23.14
CA TYR F 87 -2.80 -12.11 -24.07
C TYR F 87 -1.49 -12.53 -23.44
N CYS F 88 -0.63 -13.16 -24.24
CA CYS F 88 0.73 -13.54 -23.88
C CYS F 88 1.73 -12.68 -24.65
N ALA F 89 2.91 -12.48 -24.07
CA ALA F 89 3.90 -11.60 -24.66
C ALA F 89 5.30 -12.19 -24.57
N ALA F 90 6.09 -11.97 -25.63
CA ALA F 90 7.48 -12.40 -25.75
C ALA F 90 8.25 -11.46 -26.66
N TRP F 91 9.58 -11.51 -26.54
CA TRP F 91 10.50 -10.62 -27.23
C TRP F 91 11.19 -11.28 -28.40
N ASP F 92 11.36 -10.54 -29.47
CA ASP F 92 12.20 -10.95 -30.59
C ASP F 92 13.50 -10.16 -30.44
N ASP F 93 14.53 -10.82 -29.86
CA ASP F 93 15.86 -10.22 -29.77
C ASP F 93 16.42 -9.92 -31.16
N SER F 94 16.06 -10.75 -32.14
CA SER F 94 16.54 -10.52 -33.51
C SER F 94 15.80 -9.34 -34.13
N LEU F 95 14.47 -9.31 -34.02
CA LEU F 95 13.71 -8.18 -34.52
C LEU F 95 13.78 -6.98 -33.58
N SER F 96 14.30 -7.16 -32.37
CA SER F 96 14.40 -6.09 -31.37
C SER F 96 13.01 -5.49 -31.11
N GLY F 97 12.09 -6.36 -30.70
CA GLY F 97 10.74 -5.87 -30.50
C GLY F 97 9.89 -6.79 -29.68
N ALA F 98 8.88 -6.20 -29.03
CA ALA F 98 7.85 -6.99 -28.39
C ALA F 98 6.89 -7.53 -29.43
N VAL F 99 6.39 -8.74 -29.20
CA VAL F 99 5.36 -9.34 -30.05
C VAL F 99 4.25 -9.86 -29.16
N PHE F 100 3.00 -9.57 -29.52
CA PHE F 100 1.84 -10.00 -28.78
C PHE F 100 1.18 -11.20 -29.44
N GLY F 101 0.50 -12.00 -28.62
CA GLY F 101 -0.34 -13.05 -29.15
C GLY F 101 -1.67 -12.51 -29.64
N GLY F 102 -2.38 -13.33 -30.41
CA GLY F 102 -3.66 -12.92 -30.96
C GLY F 102 -4.76 -12.77 -29.94
N GLY F 103 -4.53 -13.23 -28.71
CA GLY F 103 -5.53 -13.13 -27.66
C GLY F 103 -6.51 -14.27 -27.63
N THR F 104 -6.93 -14.68 -26.43
CA THR F 104 -7.90 -15.76 -26.24
C THR F 104 -9.11 -15.18 -25.53
N GLN F 105 -10.25 -15.13 -26.24
CA GLN F 105 -11.49 -14.66 -25.64
C GLN F 105 -12.11 -15.79 -24.85
N LEU F 106 -11.98 -15.72 -23.53
CA LEU F 106 -12.52 -16.74 -22.64
C LEU F 106 -13.92 -16.30 -22.23
N THR F 107 -14.91 -17.12 -22.60
CA THR F 107 -16.30 -16.95 -22.21
C THR F 107 -16.62 -17.90 -21.07
N VAL F 108 -17.20 -17.36 -20.00
CA VAL F 108 -17.57 -18.16 -18.83
C VAL F 108 -19.08 -18.29 -18.83
N LEU F 109 -19.56 -19.52 -18.99
CA LEU F 109 -20.98 -19.81 -19.10
C LEU F 109 -21.64 -19.96 -17.74
N ALA F 115 -35.12 -13.20 -19.59
CA ALA F 115 -35.93 -12.50 -20.58
C ALA F 115 -35.48 -11.06 -20.77
N PRO F 116 -35.47 -10.59 -22.02
CA PRO F 116 -34.99 -9.23 -22.28
C PRO F 116 -36.00 -8.17 -21.87
N SER F 117 -35.48 -7.09 -21.30
CA SER F 117 -36.27 -5.90 -21.01
C SER F 117 -36.17 -4.94 -22.18
N VAL F 118 -37.32 -4.47 -22.65
CA VAL F 118 -37.43 -3.72 -23.90
C VAL F 118 -38.11 -2.39 -23.59
N THR F 119 -37.48 -1.30 -24.02
CA THR F 119 -38.07 0.03 -23.94
C THR F 119 -37.97 0.70 -25.30
N LEU F 120 -39.09 1.23 -25.81
CA LEU F 120 -39.14 1.80 -27.15
C LEU F 120 -39.49 3.28 -27.08
N PHE F 121 -38.67 4.12 -27.72
CA PHE F 121 -38.84 5.55 -27.82
C PHE F 121 -39.11 5.99 -29.25
N PRO F 122 -40.08 6.89 -29.43
CA PRO F 122 -40.35 7.47 -30.75
C PRO F 122 -39.40 8.61 -31.03
N PRO F 123 -39.39 9.15 -32.26
CA PRO F 123 -38.54 10.32 -32.53
C PRO F 123 -39.03 11.54 -31.76
N SER F 124 -38.07 12.28 -31.20
CA SER F 124 -38.40 13.49 -30.44
C SER F 124 -38.86 14.61 -31.37
N SER F 125 -39.64 15.54 -30.80
CA SER F 125 -40.06 16.70 -31.57
C SER F 125 -38.88 17.55 -32.00
N GLU F 126 -37.82 17.60 -31.17
CA GLU F 126 -36.60 18.30 -31.55
C GLU F 126 -36.00 17.72 -32.82
N GLU F 127 -35.89 16.38 -32.88
CA GLU F 127 -35.31 15.75 -34.06
C GLU F 127 -36.22 15.92 -35.28
N LEU F 128 -37.54 15.85 -35.08
CA LEU F 128 -38.46 16.15 -36.17
C LEU F 128 -38.25 17.58 -36.68
N GLN F 129 -37.94 18.51 -35.79
CA GLN F 129 -37.63 19.87 -36.22
C GLN F 129 -36.29 19.93 -36.97
N ALA F 130 -35.39 18.99 -36.72
CA ALA F 130 -34.17 18.85 -37.49
C ALA F 130 -34.34 17.94 -38.70
N ASN F 131 -35.59 17.63 -39.07
CA ASN F 131 -35.93 16.84 -40.24
C ASN F 131 -35.26 15.46 -40.22
N LYS F 132 -35.27 14.82 -39.05
CA LYS F 132 -34.83 13.44 -38.90
C LYS F 132 -35.74 12.73 -37.91
N ALA F 133 -35.91 11.42 -38.07
CA ALA F 133 -36.83 10.65 -37.22
C ALA F 133 -36.17 9.32 -36.86
N THR F 134 -35.86 9.12 -35.58
CA THR F 134 -35.18 7.90 -35.13
C THR F 134 -36.02 7.18 -34.09
N LEU F 135 -36.26 5.88 -34.32
CA LEU F 135 -36.92 5.02 -33.35
C LEU F 135 -35.88 4.20 -32.59
N VAL F 136 -35.98 4.19 -31.27
CA VAL F 136 -34.95 3.63 -30.39
C VAL F 136 -35.54 2.46 -29.61
N CYS F 137 -34.96 1.27 -29.78
CA CYS F 137 -35.42 0.04 -29.14
C CYS F 137 -34.30 -0.49 -28.24
N LEU F 138 -34.55 -0.52 -26.94
CA LEU F 138 -33.53 -0.82 -25.92
C LEU F 138 -33.81 -2.16 -25.26
N ILE F 139 -32.83 -3.06 -25.35
CA ILE F 139 -32.90 -4.40 -24.79
C ILE F 139 -31.82 -4.51 -23.72
N SER F 140 -32.20 -4.96 -22.53
CA SER F 140 -31.25 -5.13 -21.46
C SER F 140 -31.61 -6.34 -20.62
N ASP F 141 -30.64 -6.77 -19.81
CA ASP F 141 -30.84 -7.79 -18.78
C ASP F 141 -31.31 -9.12 -19.36
N PHE F 142 -30.82 -9.48 -20.54
CA PHE F 142 -31.18 -10.76 -21.12
C PHE F 142 -29.99 -11.72 -21.12
N TYR F 143 -30.30 -13.00 -20.98
CA TYR F 143 -29.32 -14.07 -21.03
C TYR F 143 -29.97 -15.32 -21.62
N PRO F 144 -29.26 -16.03 -22.52
CA PRO F 144 -27.89 -15.78 -23.01
C PRO F 144 -27.77 -14.55 -23.90
N GLY F 145 -26.53 -14.15 -24.20
CA GLY F 145 -26.29 -12.97 -25.00
C GLY F 145 -26.59 -13.16 -26.47
N ALA F 146 -27.86 -13.41 -26.79
CA ALA F 146 -28.27 -13.61 -28.17
C ALA F 146 -29.73 -13.23 -28.30
N VAL F 147 -30.02 -12.27 -29.18
CA VAL F 147 -31.38 -11.84 -29.47
C VAL F 147 -31.48 -11.57 -30.96
N THR F 148 -32.72 -11.59 -31.46
CA THR F 148 -33.02 -11.28 -32.86
C THR F 148 -34.16 -10.27 -32.91
N VAL F 149 -33.96 -9.17 -33.63
CA VAL F 149 -34.88 -8.04 -33.61
C VAL F 149 -35.46 -7.84 -35.02
N ALA F 150 -36.74 -7.49 -35.09
CA ALA F 150 -37.42 -7.18 -36.35
C ALA F 150 -38.29 -5.95 -36.19
N TRP F 151 -38.25 -5.06 -37.18
CA TRP F 151 -39.01 -3.81 -37.16
C TRP F 151 -40.22 -3.87 -38.08
N LYS F 152 -41.27 -3.15 -37.67
CA LYS F 152 -42.54 -3.12 -38.38
C LYS F 152 -43.01 -1.68 -38.57
N ALA F 153 -43.46 -1.36 -39.78
CA ALA F 153 -44.19 -0.13 -40.09
C ALA F 153 -45.64 -0.53 -40.24
N ASP F 154 -46.49 0.00 -39.36
CA ASP F 154 -47.85 -0.49 -39.19
C ASP F 154 -47.82 -1.98 -38.85
N SER F 155 -48.00 -2.83 -39.87
CA SER F 155 -47.92 -4.28 -39.69
C SER F 155 -46.91 -4.96 -40.59
N SER F 156 -46.11 -4.22 -41.38
CA SER F 156 -45.21 -4.83 -42.34
C SER F 156 -43.75 -4.73 -41.91
N PRO F 157 -42.93 -5.74 -42.20
CA PRO F 157 -41.50 -5.64 -41.88
C PRO F 157 -40.84 -4.51 -42.65
N VAL F 158 -39.71 -4.05 -42.12
CA VAL F 158 -38.96 -2.98 -42.78
C VAL F 158 -37.56 -3.47 -43.08
N LYS F 159 -37.18 -3.40 -44.36
CA LYS F 159 -35.78 -3.60 -44.74
C LYS F 159 -34.85 -2.43 -44.41
N ALA F 160 -35.06 -1.33 -45.10
CA ALA F 160 -34.30 -0.10 -44.96
C ALA F 160 -34.19 0.50 -43.56
N GLY F 161 -32.97 0.95 -43.26
CA GLY F 161 -32.70 1.79 -42.12
C GLY F 161 -32.65 1.14 -40.76
N VAL F 162 -32.49 -0.18 -40.69
CA VAL F 162 -32.42 -0.89 -39.41
C VAL F 162 -30.94 -1.09 -39.05
N GLU F 163 -30.56 -0.71 -37.82
CA GLU F 163 -29.18 -0.90 -37.34
C GLU F 163 -29.20 -1.45 -35.92
N THR F 164 -28.57 -2.60 -35.70
CA THR F 164 -28.59 -3.29 -34.42
C THR F 164 -27.16 -3.56 -33.94
N THR F 165 -26.94 -3.38 -32.65
CA THR F 165 -25.66 -3.65 -32.02
C THR F 165 -25.53 -5.12 -31.64
N THR F 166 -24.31 -5.53 -31.37
CA THR F 166 -24.07 -6.86 -30.83
C THR F 166 -24.38 -6.88 -29.33
N PRO F 167 -24.81 -8.02 -28.80
CA PRO F 167 -25.04 -8.09 -27.34
C PRO F 167 -23.74 -7.92 -26.58
N SER F 168 -23.81 -7.17 -25.49
CA SER F 168 -22.65 -6.86 -24.69
C SER F 168 -22.95 -7.22 -23.23
N LYS F 169 -21.99 -7.85 -22.57
CA LYS F 169 -22.19 -8.26 -21.19
C LYS F 169 -22.24 -7.02 -20.30
N GLN F 170 -23.35 -6.84 -19.60
CA GLN F 170 -23.53 -5.71 -18.72
C GLN F 170 -22.69 -5.91 -17.46
N SER F 171 -22.81 -4.95 -16.53
CA SER F 171 -22.15 -5.09 -15.24
C SER F 171 -22.69 -6.29 -14.48
N ASN F 172 -24.00 -6.54 -14.59
CA ASN F 172 -24.65 -7.67 -13.92
C ASN F 172 -24.49 -8.98 -14.68
N ASN F 173 -23.56 -9.04 -15.64
CA ASN F 173 -23.24 -10.22 -16.42
C ASN F 173 -24.42 -10.66 -17.31
N LYS F 174 -25.51 -9.92 -17.28
CA LYS F 174 -26.54 -10.09 -18.30
C LYS F 174 -26.14 -9.25 -19.51
N TYR F 175 -26.93 -9.32 -20.58
CA TYR F 175 -26.53 -8.70 -21.83
C TYR F 175 -27.44 -7.53 -22.20
N ALA F 176 -26.86 -6.57 -22.92
CA ALA F 176 -27.58 -5.43 -23.43
C ALA F 176 -27.37 -5.34 -24.93
N ALA F 177 -28.38 -4.82 -25.62
CA ALA F 177 -28.31 -4.62 -27.05
C ALA F 177 -29.30 -3.52 -27.40
N SER F 178 -29.04 -2.81 -28.48
CA SER F 178 -29.87 -1.69 -28.90
C SER F 178 -30.10 -1.76 -30.41
N SER F 179 -31.26 -1.27 -30.82
CA SER F 179 -31.65 -1.25 -32.22
C SER F 179 -32.24 0.11 -32.57
N TYR F 180 -31.91 0.59 -33.77
CA TYR F 180 -32.35 1.88 -34.26
C TYR F 180 -33.06 1.69 -35.59
N LEU F 181 -34.18 2.40 -35.76
CA LEU F 181 -34.86 2.49 -37.06
C LEU F 181 -34.75 3.94 -37.54
N SER F 182 -34.07 4.13 -38.66
CA SER F 182 -33.89 5.44 -39.27
C SER F 182 -35.04 5.71 -40.23
N LEU F 183 -35.78 6.78 -39.96
CA LEU F 183 -36.94 7.19 -40.73
C LEU F 183 -36.87 8.69 -41.03
N THR F 184 -37.56 9.06 -42.09
CA THR F 184 -37.84 10.47 -42.33
C THR F 184 -39.05 10.89 -41.50
N PRO F 185 -39.17 12.16 -41.15
CA PRO F 185 -40.38 12.60 -40.43
C PRO F 185 -41.66 12.26 -41.17
N GLU F 186 -41.60 12.23 -42.51
CA GLU F 186 -42.78 11.89 -43.31
C GLU F 186 -43.17 10.43 -43.07
N GLN F 187 -42.21 9.51 -43.10
CA GLN F 187 -42.51 8.10 -42.83
C GLN F 187 -43.05 7.92 -41.42
N TRP F 188 -42.49 8.65 -40.46
CA TRP F 188 -42.98 8.56 -39.08
C TRP F 188 -44.43 8.98 -38.96
N LYS F 189 -44.76 10.17 -39.48
CA LYS F 189 -46.11 10.70 -39.30
C LYS F 189 -47.14 9.96 -40.15
N SER F 190 -46.77 9.51 -41.35
CA SER F 190 -47.74 8.99 -42.29
C SER F 190 -48.25 7.61 -41.91
N HIS F 191 -47.55 6.88 -41.05
CA HIS F 191 -47.96 5.54 -40.64
C HIS F 191 -48.74 5.61 -39.34
N ARG F 192 -49.66 4.65 -39.18
CA ARG F 192 -50.44 4.58 -37.96
C ARG F 192 -49.55 4.29 -36.75
N SER F 193 -48.56 3.42 -36.92
CA SER F 193 -47.71 3.01 -35.82
C SER F 193 -46.44 2.35 -36.36
N TYR F 194 -45.48 2.18 -35.46
CA TYR F 194 -44.23 1.47 -35.71
C TYR F 194 -43.96 0.56 -34.53
N SER F 195 -43.41 -0.63 -34.79
CA SER F 195 -43.25 -1.65 -33.77
C SER F 195 -41.83 -2.21 -33.77
N CYS F 196 -41.32 -2.47 -32.58
CA CYS F 196 -40.06 -3.17 -32.38
C CYS F 196 -40.35 -4.54 -31.76
N GLN F 197 -39.80 -5.59 -32.37
CA GLN F 197 -40.03 -6.97 -31.96
C GLN F 197 -38.70 -7.61 -31.57
N VAL F 198 -38.59 -8.03 -30.32
CA VAL F 198 -37.40 -8.68 -29.78
C VAL F 198 -37.73 -10.15 -29.53
N THR F 199 -37.00 -11.04 -30.19
CA THR F 199 -37.10 -12.48 -29.99
C THR F 199 -35.85 -12.95 -29.26
N HIS F 200 -36.06 -13.69 -28.18
CA HIS F 200 -34.98 -14.18 -27.33
C HIS F 200 -35.43 -15.51 -26.76
N GLU F 201 -34.62 -16.56 -26.98
CA GLU F 201 -34.95 -17.91 -26.55
C GLU F 201 -36.30 -18.35 -27.12
N GLY F 202 -36.63 -17.88 -28.32
CA GLY F 202 -37.88 -18.19 -28.97
C GLY F 202 -39.09 -17.38 -28.51
N SER F 203 -38.95 -16.60 -27.44
CA SER F 203 -40.06 -15.78 -26.94
C SER F 203 -39.95 -14.36 -27.47
N THR F 204 -41.10 -13.73 -27.69
CA THR F 204 -41.17 -12.47 -28.41
C THR F 204 -41.82 -11.39 -27.56
N VAL F 205 -41.19 -10.22 -27.52
CA VAL F 205 -41.71 -9.03 -26.83
C VAL F 205 -41.73 -7.90 -27.83
N GLU F 206 -42.88 -7.24 -27.97
CA GLU F 206 -43.06 -6.19 -28.97
C GLU F 206 -43.58 -4.91 -28.32
N LYS F 207 -43.04 -3.77 -28.75
CA LYS F 207 -43.53 -2.46 -28.34
C LYS F 207 -43.93 -1.66 -29.56
N THR F 208 -44.97 -0.84 -29.42
CA THR F 208 -45.52 -0.08 -30.53
C THR F 208 -45.67 1.39 -30.15
N VAL F 209 -45.42 2.28 -31.10
CA VAL F 209 -45.54 3.73 -30.90
C VAL F 209 -46.28 4.32 -32.09
N ALA F 210 -47.00 5.42 -31.84
CA ALA F 210 -47.77 6.10 -32.86
C ALA F 210 -47.51 7.59 -32.82
N PRO F 211 -47.52 8.26 -33.98
CA PRO F 211 -47.31 9.71 -34.02
C PRO F 211 -48.55 10.49 -33.56
#